data_5RLJ
#
_entry.id   5RLJ
#
_cell.length_a   59.146
_cell.length_b   70.207
_cell.length_c   85.329
_cell.angle_alpha   102.490
_cell.angle_beta   96.070
_cell.angle_gamma   112.490
#
_symmetry.space_group_name_H-M   'P 1'
#
loop_
_entity.id
_entity.type
_entity.pdbx_description
1 polymer Helicase
2 non-polymer 'ZINC ION'
3 non-polymer 'PHOSPHATE ION'
4 non-polymer (2S)-2-phenylpropane-1-sulfonamide
5 water water
#
_entity_poly.entity_id   1
_entity_poly.type   'polypeptide(L)'
_entity_poly.pdbx_seq_one_letter_code
;AVGACVLCNSQTSLRCGACIRRPFLCCKCCYDHVISTSHKLVLSVNPYVCNAPGCDVTDVTQLYLGGMSYYCKSHKPPIS
FPLCANGQVFGLYKNTCVGSDNVTDFNAIATCDWTNAGDYILANTCTERLKLFAAETLKATEETFKLSYGIATVREVLSD
RELHLSWEVGKPRPPLNRNYVFTGYRVTKNSKVQIGEYTFEKGDYGDAVVYRGTTTYKLNVGDYFVLTSHTVMPLSAPTL
VPQEHYVRITGLYPTLNISDEFSSNVANYQKVGMQKYSTLQGPPGTGKSHFAIGLALYYPSARIVYTACSHAAVDALCEK
ALKYLPIDKCSRIIPARARVECFDKFKVNSTLEQYVFCTVNALPETTADIVVFDEISMATNYDLSVVNARLRAKHYVYIG
DPAQLPAPRTLLTKGTLEPEYFNSVCRLMKTIGPDMFLGTCRRCPAEIVDTVSALVYDNKLKAHKDKSAQCFKMFYKGVI
THDVSSAINRPQIGVVREFLTRNPAWRKAVFISPYNSQNAVASKILGLPTQTVDSSQGSEYDYVIFTQTTETAHSCNVNR
FNVAITRAKVGILCIMSDRDLYDKLQFTSLEIPRRNVATLQ
;
_entity_poly.pdbx_strand_id   A,B
#
loop_
_chem_comp.id
_chem_comp.type
_chem_comp.name
_chem_comp.formula
PO4 non-polymer 'PHOSPHATE ION' 'O4 P -3'
VW4 non-polymer (2S)-2-phenylpropane-1-sulfonamide 'C9 H13 N O2 S'
ZN non-polymer 'ZINC ION' 'Zn 2'
#
# COMPACT_ATOMS: atom_id res chain seq x y z
N ALA A 1 22.14 7.25 -13.71
CA ALA A 1 23.45 6.89 -13.15
C ALA A 1 24.15 8.04 -12.41
N VAL A 2 23.40 9.02 -11.90
CA VAL A 2 23.99 10.12 -11.15
C VAL A 2 23.40 10.09 -9.73
N GLY A 3 24.27 10.18 -8.72
CA GLY A 3 23.86 10.10 -7.33
C GLY A 3 24.89 10.53 -6.30
N ALA A 4 24.52 10.42 -5.03
CA ALA A 4 25.38 10.86 -3.94
C ALA A 4 26.11 9.68 -3.27
N CYS A 5 27.40 9.89 -2.91
CA CYS A 5 28.30 8.91 -2.30
C CYS A 5 27.74 8.44 -0.97
N VAL A 6 27.62 7.12 -0.76
CA VAL A 6 27.12 6.59 0.51
C VAL A 6 28.07 6.86 1.68
N LEU A 7 29.33 7.20 1.43
CA LEU A 7 30.29 7.47 2.50
C LEU A 7 30.44 8.94 2.86
N CYS A 8 30.50 9.84 1.84
CA CYS A 8 30.74 11.24 2.14
C CYS A 8 29.81 12.22 1.41
N ASN A 9 28.82 11.72 0.63
CA ASN A 9 27.80 12.51 -0.05
C ASN A 9 28.28 13.13 -1.36
N SER A 10 29.63 13.30 -1.54
CA SER A 10 30.24 13.87 -2.75
C SER A 10 29.63 13.30 -4.03
N GLN A 11 29.10 14.16 -4.89
CA GLN A 11 28.44 13.73 -6.11
C GLN A 11 29.40 12.94 -7.02
N THR A 12 28.87 11.93 -7.74
CA THR A 12 29.58 11.06 -8.69
C THR A 12 28.62 10.30 -9.62
N SER A 13 29.20 9.72 -10.68
CA SER A 13 28.56 8.81 -11.61
C SER A 13 28.98 7.34 -11.28
N LEU A 14 29.87 7.12 -10.27
CA LEU A 14 30.33 5.77 -9.95
C LEU A 14 29.49 5.04 -8.93
N ARG A 15 29.28 3.74 -9.18
CA ARG A 15 28.62 2.76 -8.30
C ARG A 15 29.47 1.51 -8.31
N CYS A 16 29.55 0.81 -7.16
CA CYS A 16 30.28 -0.44 -7.14
C CYS A 16 29.41 -1.53 -7.72
N GLY A 17 29.89 -2.09 -8.82
CA GLY A 17 29.23 -3.18 -9.52
C GLY A 17 29.37 -4.50 -8.78
N ALA A 18 30.33 -4.62 -7.86
CA ALA A 18 30.51 -5.86 -7.10
C ALA A 18 29.65 -5.89 -5.82
N CYS A 19 29.22 -4.71 -5.31
CA CYS A 19 28.32 -4.63 -4.16
C CYS A 19 26.93 -5.08 -4.60
N ILE A 20 26.25 -5.88 -3.77
CA ILE A 20 24.90 -6.38 -4.05
C ILE A 20 23.89 -5.22 -4.18
N ARG A 21 24.10 -4.11 -3.44
CA ARG A 21 23.20 -2.98 -3.50
C ARG A 21 23.65 -1.87 -4.50
N ARG A 22 24.83 -2.03 -5.18
CA ARG A 22 25.41 -1.08 -6.15
C ARG A 22 25.42 0.37 -5.66
N PRO A 23 26.02 0.60 -4.47
CA PRO A 23 26.02 1.95 -3.91
C PRO A 23 26.88 2.95 -4.68
N PHE A 24 26.42 4.20 -4.72
CA PHE A 24 27.17 5.28 -5.32
C PHE A 24 28.39 5.56 -4.44
N LEU A 25 29.57 5.61 -5.06
CA LEU A 25 30.85 5.89 -4.40
C LEU A 25 31.57 6.96 -5.18
N CYS A 26 32.00 8.03 -4.48
CA CYS A 26 32.74 9.10 -5.12
C CYS A 26 34.15 8.63 -5.41
N CYS A 27 34.83 9.25 -6.38
CA CYS A 27 36.19 8.96 -6.80
C CYS A 27 37.17 8.58 -5.63
N LYS A 28 37.32 9.44 -4.60
CA LYS A 28 38.23 9.16 -3.48
C LYS A 28 37.80 7.94 -2.63
N CYS A 29 36.49 7.69 -2.55
CA CYS A 29 35.89 6.58 -1.82
C CYS A 29 35.82 5.26 -2.64
N CYS A 30 35.47 5.33 -3.94
CA CYS A 30 35.45 4.23 -4.89
C CYS A 30 36.86 3.61 -4.97
N TYR A 31 37.89 4.46 -5.01
CA TYR A 31 39.28 4.02 -5.04
C TYR A 31 39.61 3.25 -3.78
N ASP A 32 39.35 3.83 -2.59
CA ASP A 32 39.62 3.23 -1.28
C ASP A 32 38.91 1.88 -1.10
N HIS A 33 37.79 1.68 -1.81
CA HIS A 33 37.02 0.44 -1.82
C HIS A 33 37.62 -0.62 -2.78
N VAL A 34 37.89 -0.24 -4.04
CA VAL A 34 38.41 -1.21 -5.00
C VAL A 34 39.80 -1.68 -4.68
N ILE A 35 40.64 -0.77 -4.17
CA ILE A 35 42.04 -1.04 -3.84
C ILE A 35 42.23 -1.82 -2.52
N SER A 36 41.18 -1.93 -1.70
CA SER A 36 41.27 -2.65 -0.44
C SER A 36 40.40 -3.92 -0.35
N THR A 37 39.51 -4.16 -1.33
CA THR A 37 38.63 -5.34 -1.35
C THR A 37 38.78 -6.15 -2.67
N SER A 38 38.09 -7.31 -2.80
CA SER A 38 38.01 -8.07 -4.03
C SER A 38 37.03 -7.37 -5.04
N HIS A 39 36.36 -6.26 -4.65
CA HIS A 39 35.40 -5.57 -5.49
C HIS A 39 36.15 -4.70 -6.50
N LYS A 40 36.13 -5.07 -7.78
CA LYS A 40 36.86 -4.30 -8.80
C LYS A 40 35.99 -3.81 -9.95
N LEU A 41 34.69 -4.21 -10.00
CA LEU A 41 33.82 -3.74 -11.06
C LEU A 41 33.24 -2.40 -10.67
N VAL A 42 33.48 -1.38 -11.51
CA VAL A 42 32.96 -0.03 -11.29
C VAL A 42 31.96 0.29 -12.42
N LEU A 43 30.80 0.84 -12.05
CA LEU A 43 29.73 1.18 -12.98
C LEU A 43 29.56 2.69 -13.07
N SER A 44 29.39 3.23 -14.29
CA SER A 44 29.12 4.66 -14.59
C SER A 44 27.83 4.64 -15.47
N VAL A 45 27.78 5.38 -16.60
CA VAL A 45 26.64 5.33 -17.54
C VAL A 45 26.67 3.92 -18.21
N ASN A 46 27.88 3.54 -18.61
CA ASN A 46 28.40 2.33 -19.22
C ASN A 46 29.43 1.77 -18.20
N PRO A 47 29.64 0.45 -18.14
CA PRO A 47 30.59 -0.09 -17.15
C PRO A 47 32.05 0.22 -17.45
N TYR A 48 32.90 0.12 -16.43
CA TYR A 48 34.33 0.30 -16.63
C TYR A 48 34.90 -1.05 -16.98
N VAL A 49 34.89 -1.31 -18.28
CA VAL A 49 35.30 -2.56 -18.88
C VAL A 49 36.11 -2.23 -20.15
N CYS A 50 36.98 -3.18 -20.59
CA CYS A 50 37.75 -2.93 -21.79
C CYS A 50 36.87 -2.92 -23.01
N ASN A 51 36.89 -1.76 -23.68
CA ASN A 51 36.14 -1.49 -24.90
C ASN A 51 36.67 -2.25 -26.11
N ALA A 52 37.91 -2.76 -26.05
CA ALA A 52 38.48 -3.53 -27.15
C ALA A 52 37.67 -4.80 -27.38
N PRO A 53 37.34 -5.14 -28.64
CA PRO A 53 36.52 -6.33 -28.89
C PRO A 53 37.02 -7.62 -28.28
N GLY A 54 36.12 -8.38 -27.64
CA GLY A 54 36.42 -9.68 -27.04
C GLY A 54 37.25 -9.67 -25.76
N CYS A 55 37.67 -8.48 -25.29
CA CYS A 55 38.48 -8.40 -24.08
C CYS A 55 37.62 -8.47 -22.84
N ASP A 56 38.05 -9.28 -21.85
CA ASP A 56 37.30 -9.48 -20.61
C ASP A 56 37.89 -8.78 -19.39
N VAL A 57 38.70 -7.71 -19.58
CA VAL A 57 39.24 -6.97 -18.45
C VAL A 57 38.17 -6.03 -17.89
N THR A 58 37.67 -6.38 -16.66
CA THR A 58 36.63 -5.65 -15.91
C THR A 58 37.20 -4.98 -14.65
N ASP A 59 38.39 -5.39 -14.19
CA ASP A 59 39.06 -4.85 -13.02
C ASP A 59 39.50 -3.42 -13.30
N VAL A 60 38.93 -2.47 -12.55
CA VAL A 60 39.17 -1.03 -12.65
C VAL A 60 40.65 -0.66 -12.42
N THR A 61 41.37 -1.41 -11.59
CA THR A 61 42.79 -1.13 -11.31
C THR A 61 43.72 -1.46 -12.51
N GLN A 62 43.23 -2.28 -13.45
CA GLN A 62 43.91 -2.69 -14.68
C GLN A 62 43.31 -1.99 -15.91
N LEU A 63 42.57 -0.88 -15.74
CA LEU A 63 41.96 -0.15 -16.85
C LEU A 63 42.43 1.32 -16.92
N TYR A 64 42.36 1.91 -18.14
CA TYR A 64 42.83 3.24 -18.50
C TYR A 64 41.81 3.94 -19.42
N LEU A 65 41.78 5.27 -19.37
CA LEU A 65 40.92 6.06 -20.25
C LEU A 65 41.70 6.43 -21.52
N GLY A 66 41.32 5.81 -22.64
CA GLY A 66 41.93 6.06 -23.94
C GLY A 66 41.04 6.95 -24.78
N GLY A 67 41.09 8.24 -24.49
CA GLY A 67 40.26 9.26 -25.13
C GLY A 67 38.97 9.44 -24.35
N MET A 68 37.91 8.81 -24.84
CA MET A 68 36.60 8.81 -24.18
C MET A 68 36.16 7.38 -23.79
N SER A 69 36.94 6.34 -24.17
CA SER A 69 36.66 4.93 -23.93
C SER A 69 37.64 4.33 -22.88
N TYR A 70 37.37 3.09 -22.47
CA TYR A 70 38.18 2.44 -21.45
C TYR A 70 38.86 1.25 -22.07
N TYR A 71 40.13 1.05 -21.73
CA TYR A 71 40.91 -0.07 -22.24
C TYR A 71 41.83 -0.61 -21.16
N CYS A 72 42.19 -1.88 -21.24
CA CYS A 72 43.15 -2.46 -20.30
C CYS A 72 44.60 -2.09 -20.72
N LYS A 73 45.62 -2.61 -20.00
CA LYS A 73 47.03 -2.38 -20.30
C LYS A 73 47.40 -2.88 -21.74
N SER A 74 46.81 -4.03 -22.17
CA SER A 74 47.03 -4.70 -23.46
C SER A 74 46.38 -4.01 -24.67
N HIS A 75 45.40 -3.14 -24.43
CA HIS A 75 44.66 -2.52 -25.52
C HIS A 75 44.64 -0.99 -25.50
N LYS A 76 45.22 -0.37 -24.47
CA LYS A 76 45.19 1.09 -24.35
C LYS A 76 46.01 1.80 -25.44
N PRO A 77 45.57 2.99 -25.89
CA PRO A 77 46.40 3.77 -26.84
C PRO A 77 47.58 4.45 -26.11
N PRO A 78 48.64 4.91 -26.81
CA PRO A 78 49.75 5.58 -26.10
C PRO A 78 49.32 6.73 -25.18
N ILE A 79 48.34 7.53 -25.64
CA ILE A 79 47.86 8.65 -24.83
C ILE A 79 46.61 8.19 -24.04
N SER A 80 46.92 7.65 -22.86
CA SER A 80 45.94 7.13 -21.93
C SER A 80 46.36 7.40 -20.46
N PHE A 81 45.35 7.48 -19.61
CA PHE A 81 45.45 7.79 -18.19
C PHE A 81 44.90 6.62 -17.39
N PRO A 82 45.56 6.08 -16.34
CA PRO A 82 44.93 5.00 -15.55
C PRO A 82 43.66 5.44 -14.84
N LEU A 83 42.68 4.54 -14.83
CA LEU A 83 41.42 4.81 -14.13
C LEU A 83 41.70 4.96 -12.62
N CYS A 84 42.67 4.19 -12.10
CA CYS A 84 43.05 4.30 -10.70
C CYS A 84 44.37 5.02 -10.56
N ALA A 85 44.33 6.26 -10.07
CA ALA A 85 45.55 6.99 -9.79
C ALA A 85 45.34 8.05 -8.71
N ASN A 86 46.43 8.37 -7.98
CA ASN A 86 46.48 9.38 -6.92
C ASN A 86 45.21 9.40 -6.00
N GLY A 87 44.90 8.23 -5.42
CA GLY A 87 43.80 8.02 -4.48
C GLY A 87 42.38 8.12 -4.98
N GLN A 88 42.16 8.15 -6.32
CA GLN A 88 40.83 8.31 -6.93
C GLN A 88 40.61 7.41 -8.17
N VAL A 89 39.33 7.21 -8.53
CA VAL A 89 38.84 6.45 -9.69
C VAL A 89 38.19 7.51 -10.59
N PHE A 90 38.66 7.67 -11.84
CA PHE A 90 38.11 8.67 -12.75
C PHE A 90 36.60 8.59 -12.91
N GLY A 91 35.96 9.74 -12.71
CA GLY A 91 34.54 9.93 -12.88
C GLY A 91 34.18 11.41 -12.81
N LEU A 92 32.92 11.74 -13.08
CA LEU A 92 32.47 13.13 -13.04
C LEU A 92 32.51 13.68 -11.61
N TYR A 93 32.59 15.02 -11.47
CA TYR A 93 32.55 15.76 -10.22
C TYR A 93 33.71 15.42 -9.25
N LYS A 94 34.92 15.14 -9.80
CA LYS A 94 36.12 14.79 -9.03
C LYS A 94 36.62 15.96 -8.20
N VAL A 103 36.17 4.45 5.39
CA VAL A 103 35.89 3.49 4.32
C VAL A 103 36.28 2.07 4.73
N THR A 104 37.18 1.88 5.74
CA THR A 104 37.49 0.56 6.33
C THR A 104 36.17 -0.14 6.82
N ASP A 105 35.22 0.67 7.36
CA ASP A 105 33.93 0.16 7.82
C ASP A 105 33.01 -0.17 6.64
N PHE A 106 33.01 0.67 5.60
CA PHE A 106 32.24 0.43 4.38
C PHE A 106 32.67 -0.91 3.73
N ASN A 107 33.99 -1.16 3.68
CA ASN A 107 34.55 -2.37 3.05
C ASN A 107 34.06 -3.63 3.75
N ALA A 108 34.08 -3.62 5.09
CA ALA A 108 33.66 -4.77 5.88
C ALA A 108 32.16 -5.05 5.73
N ILE A 109 31.33 -4.00 5.69
CA ILE A 109 29.90 -4.14 5.49
C ILE A 109 29.62 -4.69 4.08
N ALA A 110 30.29 -4.13 3.06
CA ALA A 110 30.12 -4.53 1.67
C ALA A 110 30.54 -5.95 1.32
N THR A 111 31.53 -6.50 2.05
CA THR A 111 32.08 -7.83 1.72
C THR A 111 31.73 -8.97 2.70
N CYS A 112 31.22 -8.64 3.90
CA CYS A 112 30.85 -9.64 4.89
C CYS A 112 29.65 -10.51 4.45
N ASP A 113 29.54 -11.72 5.02
CA ASP A 113 28.42 -12.61 4.70
C ASP A 113 27.30 -12.63 5.78
N TRP A 114 27.41 -11.76 6.82
CA TRP A 114 26.42 -11.58 7.90
C TRP A 114 26.20 -12.82 8.77
N THR A 115 27.19 -13.72 8.84
CA THR A 115 27.10 -14.91 9.68
C THR A 115 27.80 -14.69 11.05
N ASN A 116 28.56 -13.60 11.21
CA ASN A 116 29.29 -13.29 12.44
C ASN A 116 28.65 -12.13 13.18
N ALA A 117 28.67 -12.18 14.50
CA ALA A 117 28.13 -11.11 15.34
C ALA A 117 28.84 -9.79 15.08
N GLY A 118 30.15 -9.83 14.83
CA GLY A 118 30.95 -8.65 14.51
C GLY A 118 30.45 -7.86 13.32
N ASP A 119 29.76 -8.53 12.37
CA ASP A 119 29.16 -7.87 11.20
C ASP A 119 27.99 -6.96 11.64
N TYR A 120 27.21 -7.42 12.63
CA TYR A 120 26.08 -6.71 13.21
C TYR A 120 26.56 -5.60 14.14
N ILE A 121 27.70 -5.80 14.82
CA ILE A 121 28.29 -4.79 15.68
C ILE A 121 28.69 -3.60 14.83
N LEU A 122 29.39 -3.88 13.72
CA LEU A 122 29.79 -2.85 12.80
C LEU A 122 28.60 -2.10 12.20
N ALA A 123 27.54 -2.84 11.78
CA ALA A 123 26.32 -2.24 11.20
C ALA A 123 25.56 -1.27 12.15
N ASN A 124 25.90 -1.32 13.43
CA ASN A 124 25.29 -0.50 14.46
C ASN A 124 26.21 0.52 15.08
N THR A 125 27.52 0.39 14.84
CA THR A 125 28.49 1.34 15.34
C THR A 125 28.99 2.29 14.27
N CYS A 126 28.69 2.04 12.99
CA CYS A 126 29.15 2.87 11.89
C CYS A 126 28.38 4.21 11.79
N THR A 127 28.75 5.08 10.84
CA THR A 127 28.04 6.33 10.61
C THR A 127 26.60 6.03 10.15
N GLU A 128 25.73 7.02 10.25
CA GLU A 128 24.33 6.89 9.90
C GLU A 128 24.08 6.38 8.47
N ARG A 129 24.72 7.01 7.46
CA ARG A 129 24.56 6.54 6.08
C ARG A 129 25.05 5.08 5.93
N LEU A 130 26.12 4.67 6.67
CA LEU A 130 26.59 3.27 6.60
C LEU A 130 25.66 2.30 7.33
N LYS A 131 24.87 2.81 8.30
CA LYS A 131 23.87 2.00 8.97
C LYS A 131 22.78 1.63 7.93
N LEU A 132 22.40 2.57 7.03
CA LEU A 132 21.38 2.25 6.01
C LEU A 132 21.91 1.30 4.96
N PHE A 133 23.18 1.47 4.57
CA PHE A 133 23.83 0.60 3.59
C PHE A 133 23.89 -0.82 4.16
N ALA A 134 24.31 -0.93 5.43
CA ALA A 134 24.40 -2.20 6.13
C ALA A 134 23.04 -2.86 6.23
N ALA A 135 21.99 -2.11 6.63
CA ALA A 135 20.64 -2.66 6.77
C ALA A 135 20.06 -3.18 5.44
N GLU A 136 20.29 -2.45 4.36
CA GLU A 136 19.82 -2.82 3.01
C GLU A 136 20.58 -4.08 2.50
N THR A 137 21.91 -4.09 2.71
CA THR A 137 22.79 -5.17 2.25
C THR A 137 22.44 -6.48 2.98
N LEU A 138 22.27 -6.37 4.31
CA LEU A 138 21.90 -7.48 5.16
C LEU A 138 20.55 -8.06 4.74
N LYS A 139 19.52 -7.19 4.58
CA LYS A 139 18.20 -7.68 4.21
C LYS A 139 18.20 -8.36 2.85
N ALA A 140 18.97 -7.81 1.89
CA ALA A 140 19.08 -8.41 0.56
C ALA A 140 19.77 -9.78 0.66
N THR A 141 20.82 -9.90 1.51
CA THR A 141 21.52 -11.17 1.70
C THR A 141 20.58 -12.24 2.32
N GLU A 142 19.79 -11.81 3.31
CA GLU A 142 18.82 -12.66 3.99
C GLU A 142 17.79 -13.23 2.97
N GLU A 143 17.38 -12.43 1.96
CA GLU A 143 16.42 -12.85 0.93
C GLU A 143 16.99 -13.85 -0.07
N THR A 144 18.19 -13.55 -0.61
CA THR A 144 18.88 -14.48 -1.53
C THR A 144 19.19 -15.84 -0.83
N PHE A 145 19.30 -15.84 0.52
CA PHE A 145 19.52 -17.07 1.26
C PHE A 145 18.26 -17.98 1.29
N LYS A 146 17.07 -17.35 1.16
CA LYS A 146 15.80 -18.09 1.11
C LYS A 146 15.76 -19.00 -0.14
N LEU A 147 16.41 -18.58 -1.24
CA LEU A 147 16.48 -19.36 -2.48
C LEU A 147 17.27 -20.65 -2.33
N SER A 148 18.17 -20.72 -1.33
CA SER A 148 19.03 -21.87 -1.08
C SER A 148 18.25 -23.10 -0.62
N TYR A 149 17.09 -22.90 0.00
CA TYR A 149 16.31 -24.02 0.53
C TYR A 149 15.51 -24.80 -0.52
N GLY A 150 15.37 -26.10 -0.28
CA GLY A 150 14.64 -26.99 -1.17
C GLY A 150 13.14 -26.82 -1.07
N ILE A 151 12.44 -27.08 -2.17
CA ILE A 151 10.99 -27.02 -2.30
C ILE A 151 10.37 -28.23 -1.59
N ALA A 152 9.28 -28.02 -0.84
CA ALA A 152 8.54 -29.10 -0.16
C ALA A 152 7.27 -29.35 -0.99
N THR A 153 6.99 -30.61 -1.34
CA THR A 153 5.81 -30.95 -2.13
C THR A 153 4.94 -31.94 -1.35
N VAL A 154 3.60 -31.78 -1.38
CA VAL A 154 2.70 -32.69 -0.66
C VAL A 154 2.66 -34.12 -1.24
N ARG A 155 3.19 -35.09 -0.49
CA ARG A 155 3.13 -36.48 -0.91
C ARG A 155 1.72 -37.01 -0.56
N GLU A 156 1.23 -36.72 0.68
CA GLU A 156 -0.10 -37.11 1.13
C GLU A 156 -0.68 -36.21 2.26
N VAL A 157 -2.01 -36.10 2.35
CA VAL A 157 -2.69 -35.31 3.37
C VAL A 157 -3.40 -36.27 4.31
N LEU A 158 -3.07 -36.21 5.60
CA LEU A 158 -3.68 -37.10 6.59
C LEU A 158 -5.02 -36.52 7.13
N SER A 159 -4.95 -35.32 7.70
CA SER A 159 -6.10 -34.65 8.30
C SER A 159 -6.11 -33.13 7.92
N ASP A 160 -7.00 -32.34 8.57
CA ASP A 160 -7.08 -30.90 8.36
C ASP A 160 -5.95 -30.10 9.07
N ARG A 161 -5.09 -30.80 9.84
CA ARG A 161 -3.95 -30.21 10.52
C ARG A 161 -2.68 -31.06 10.45
N GLU A 162 -2.66 -32.13 9.63
CA GLU A 162 -1.46 -32.98 9.47
C GLU A 162 -1.28 -33.46 8.02
N LEU A 163 -0.02 -33.44 7.51
CA LEU A 163 0.32 -33.91 6.17
C LEU A 163 1.76 -34.49 6.10
N HIS A 164 2.10 -35.18 4.99
CA HIS A 164 3.44 -35.73 4.74
C HIS A 164 4.08 -34.98 3.56
N LEU A 165 5.38 -34.60 3.68
CA LEU A 165 6.07 -33.83 2.65
C LEU A 165 7.24 -34.55 1.98
N SER A 166 7.48 -34.19 0.72
CA SER A 166 8.56 -34.69 -0.14
C SER A 166 9.49 -33.49 -0.41
N TRP A 167 10.75 -33.57 0.04
CA TRP A 167 11.68 -32.46 -0.10
C TRP A 167 12.60 -32.53 -1.31
N GLU A 168 13.03 -31.36 -1.82
CA GLU A 168 13.93 -31.26 -2.97
C GLU A 168 15.30 -31.78 -2.60
N VAL A 169 15.83 -32.72 -3.41
CA VAL A 169 17.16 -33.30 -3.18
C VAL A 169 18.26 -32.32 -3.58
N GLY A 170 19.38 -32.35 -2.87
CA GLY A 170 20.51 -31.48 -3.15
C GLY A 170 20.45 -30.10 -2.51
N LYS A 171 19.28 -29.71 -2.00
CA LYS A 171 19.10 -28.43 -1.35
C LYS A 171 18.68 -28.64 0.11
N PRO A 172 19.26 -27.88 1.06
CA PRO A 172 18.91 -28.07 2.47
C PRO A 172 17.44 -27.77 2.78
N ARG A 173 16.96 -28.29 3.91
CA ARG A 173 15.58 -28.13 4.36
C ARG A 173 15.53 -27.05 5.43
N PRO A 174 14.68 -26.02 5.26
CA PRO A 174 14.60 -24.97 6.29
C PRO A 174 14.04 -25.47 7.60
N PRO A 175 14.38 -24.79 8.72
CA PRO A 175 13.83 -25.21 10.02
C PRO A 175 12.30 -25.15 10.02
N LEU A 176 11.65 -26.13 10.66
CA LEU A 176 10.20 -26.16 10.71
C LEU A 176 9.65 -25.67 12.06
N ASN A 177 9.49 -24.35 12.15
CA ASN A 177 8.98 -23.64 13.30
C ASN A 177 7.97 -22.55 12.82
N ARG A 178 7.47 -21.69 13.72
CA ARG A 178 6.58 -20.61 13.31
C ARG A 178 7.33 -19.49 12.55
N ASN A 179 8.65 -19.36 12.81
CA ASN A 179 9.55 -18.36 12.21
C ASN A 179 9.58 -18.45 10.67
N TYR A 180 9.53 -19.68 10.13
CA TYR A 180 9.63 -19.91 8.68
C TYR A 180 8.25 -20.01 8.00
N VAL A 181 7.86 -18.94 7.28
CA VAL A 181 6.57 -18.87 6.60
C VAL A 181 6.70 -19.16 5.08
N PHE A 182 6.01 -20.22 4.65
CA PHE A 182 6.01 -20.70 3.27
C PHE A 182 4.86 -20.13 2.50
N THR A 183 4.91 -20.25 1.18
CA THR A 183 3.84 -19.84 0.31
C THR A 183 3.44 -21.06 -0.47
N GLY A 184 2.17 -21.39 -0.43
CA GLY A 184 1.64 -22.54 -1.14
C GLY A 184 1.36 -22.20 -2.59
N TYR A 185 1.46 -23.21 -3.47
CA TYR A 185 1.23 -23.06 -4.91
C TYR A 185 0.52 -24.27 -5.49
N GLN A 194 -1.17 -19.57 -5.85
CA GLN A 194 -0.86 -18.98 -4.55
C GLN A 194 -1.95 -19.33 -3.55
N ILE A 195 -1.88 -20.56 -3.02
CA ILE A 195 -2.87 -21.07 -2.07
C ILE A 195 -2.69 -20.51 -0.63
N GLY A 196 -2.04 -19.35 -0.52
CA GLY A 196 -1.87 -18.67 0.76
C GLY A 196 -0.60 -19.04 1.49
N GLU A 197 -0.29 -18.25 2.53
CA GLU A 197 0.90 -18.50 3.33
C GLU A 197 0.65 -19.68 4.29
N TYR A 198 1.66 -20.54 4.52
CA TYR A 198 1.50 -21.74 5.34
C TYR A 198 2.70 -21.91 6.26
N THR A 199 2.46 -22.44 7.49
CA THR A 199 3.53 -22.78 8.46
C THR A 199 3.45 -24.30 8.83
N PHE A 200 4.56 -24.93 9.33
CA PHE A 200 4.62 -26.36 9.70
C PHE A 200 5.30 -26.62 11.05
N GLU A 201 4.85 -27.66 11.80
CA GLU A 201 5.43 -28.01 13.11
C GLU A 201 5.62 -29.52 13.24
N LYS A 202 6.83 -29.97 13.59
CA LYS A 202 7.11 -31.41 13.76
C LYS A 202 6.47 -31.98 15.05
N ASP A 207 6.70 -39.78 10.88
CA ASP A 207 6.95 -38.93 9.71
C ASP A 207 5.91 -37.82 9.52
N ALA A 208 4.87 -37.75 10.37
CA ALA A 208 3.79 -36.76 10.24
C ALA A 208 4.12 -35.34 10.72
N VAL A 209 3.84 -34.33 9.86
CA VAL A 209 4.06 -32.91 10.19
C VAL A 209 2.71 -32.13 10.32
N VAL A 210 2.68 -31.14 11.21
CA VAL A 210 1.47 -30.34 11.47
C VAL A 210 1.40 -29.06 10.57
N TYR A 211 0.41 -28.95 9.65
CA TYR A 211 0.32 -27.77 8.77
C TYR A 211 -0.67 -26.71 9.25
N ARG A 212 -0.33 -25.44 9.03
CA ARG A 212 -1.14 -24.30 9.44
C ARG A 212 -1.25 -23.25 8.33
N GLY A 213 -2.26 -23.42 7.51
CA GLY A 213 -2.51 -22.52 6.42
C GLY A 213 -3.23 -21.27 6.87
N THR A 214 -2.67 -20.11 6.52
CA THR A 214 -3.26 -18.82 6.84
C THR A 214 -4.66 -18.71 6.18
N THR A 215 -4.82 -19.29 4.96
CA THR A 215 -6.11 -19.37 4.30
C THR A 215 -6.53 -20.85 4.33
N THR A 216 -7.76 -21.15 4.76
CA THR A 216 -8.23 -22.53 4.81
C THR A 216 -8.45 -23.06 3.41
N TYR A 217 -7.72 -24.10 3.03
CA TYR A 217 -7.80 -24.65 1.70
C TYR A 217 -7.51 -26.14 1.77
N LYS A 218 -8.34 -26.96 1.11
CA LYS A 218 -8.17 -28.41 1.08
C LYS A 218 -6.87 -28.76 0.37
N LEU A 219 -5.77 -28.93 1.15
CA LEU A 219 -4.41 -29.23 0.67
C LEU A 219 -4.39 -30.29 -0.43
N ASN A 220 -4.11 -29.87 -1.67
CA ASN A 220 -4.10 -30.79 -2.80
C ASN A 220 -2.75 -31.50 -2.88
N VAL A 221 -2.77 -32.78 -3.25
CA VAL A 221 -1.54 -33.56 -3.41
C VAL A 221 -0.81 -33.06 -4.68
N GLY A 222 0.50 -32.89 -4.58
CA GLY A 222 1.28 -32.34 -5.68
C GLY A 222 1.57 -30.87 -5.51
N ASP A 223 0.79 -30.16 -4.68
CA ASP A 223 1.01 -28.75 -4.39
C ASP A 223 2.36 -28.54 -3.68
N TYR A 224 2.97 -27.34 -3.80
CA TYR A 224 4.29 -27.13 -3.23
C TYR A 224 4.43 -25.82 -2.42
N PHE A 225 5.43 -25.80 -1.53
CA PHE A 225 5.66 -24.68 -0.63
C PHE A 225 7.06 -24.15 -0.76
N VAL A 226 7.20 -22.83 -0.83
CA VAL A 226 8.50 -22.17 -0.93
C VAL A 226 8.51 -20.95 0.01
N LEU A 227 9.65 -20.64 0.65
CA LEU A 227 9.73 -19.45 1.50
C LEU A 227 9.72 -18.21 0.63
N THR A 228 8.77 -17.30 0.91
CA THR A 228 8.55 -16.06 0.17
C THR A 228 9.78 -15.13 0.10
N SER A 229 10.48 -15.13 -1.05
CA SER A 229 11.63 -14.26 -1.23
C SER A 229 11.17 -12.88 -1.72
N HIS A 230 11.15 -11.86 -0.85
CA HIS A 230 10.68 -10.50 -1.20
C HIS A 230 11.81 -9.53 -1.57
N THR A 231 11.52 -8.60 -2.51
CA THR A 231 12.47 -7.60 -3.01
C THR A 231 12.76 -6.59 -1.92
N VAL A 232 14.05 -6.33 -1.66
CA VAL A 232 14.46 -5.37 -0.64
C VAL A 232 14.54 -3.99 -1.25
N MET A 233 13.69 -3.10 -0.77
CA MET A 233 13.68 -1.73 -1.25
C MET A 233 14.82 -0.95 -0.61
N PRO A 234 15.31 0.08 -1.31
CA PRO A 234 16.38 0.90 -0.72
C PRO A 234 15.88 1.77 0.43
N LEU A 235 16.79 2.15 1.32
CA LEU A 235 16.51 2.99 2.48
C LEU A 235 16.94 4.41 2.17
N SER A 236 16.21 5.40 2.69
CA SER A 236 16.50 6.81 2.45
C SER A 236 16.58 7.61 3.73
N ALA A 237 15.68 7.31 4.67
CA ALA A 237 15.60 8.00 5.94
C ALA A 237 16.58 7.43 6.98
N PRO A 238 17.11 8.27 7.89
CA PRO A 238 18.01 7.73 8.92
C PRO A 238 17.28 6.78 9.89
N THR A 239 18.01 5.98 10.66
CA THR A 239 17.38 5.09 11.66
C THR A 239 16.74 5.92 12.79
N LEU A 240 17.35 7.07 13.10
CA LEU A 240 16.93 8.06 14.07
C LEU A 240 17.09 9.42 13.40
N VAL A 241 16.05 10.27 13.40
CA VAL A 241 16.22 11.64 12.90
C VAL A 241 17.24 12.38 13.83
N PRO A 242 17.88 13.51 13.43
CA PRO A 242 18.79 14.18 14.35
C PRO A 242 18.02 14.66 15.59
N GLN A 243 18.64 14.54 16.77
CA GLN A 243 17.97 14.92 18.00
C GLN A 243 17.86 16.44 18.13
N GLU A 244 16.73 16.92 18.66
CA GLU A 244 16.50 18.33 18.94
C GLU A 244 15.94 18.44 20.34
N HIS A 245 16.45 19.37 21.12
CA HIS A 245 15.93 19.63 22.44
C HIS A 245 15.28 20.99 22.43
N TYR A 246 14.10 21.09 23.05
CA TYR A 246 13.33 22.31 23.08
C TYR A 246 13.22 22.84 24.48
N VAL A 247 13.00 24.17 24.58
CA VAL A 247 12.87 24.85 25.85
C VAL A 247 11.43 24.77 26.41
N ARG A 248 10.44 24.51 25.55
CA ARG A 248 9.04 24.34 25.90
C ARG A 248 8.49 23.13 25.15
N ILE A 249 7.29 22.63 25.57
CA ILE A 249 6.62 21.54 24.86
C ILE A 249 6.24 22.08 23.49
N THR A 250 6.66 21.39 22.45
CA THR A 250 6.52 21.87 21.09
C THR A 250 5.49 21.11 20.26
N GLY A 251 4.54 21.82 19.67
CA GLY A 251 3.52 21.27 18.79
C GLY A 251 2.49 20.37 19.45
N LEU A 252 2.53 20.30 20.78
CA LEU A 252 1.61 19.48 21.56
C LEU A 252 0.98 20.36 22.62
N TYR A 253 -0.28 20.06 22.95
CA TYR A 253 -1.00 20.88 23.91
C TYR A 253 -1.52 20.01 25.06
N PRO A 254 -0.86 20.12 26.23
CA PRO A 254 -1.23 19.25 27.36
C PRO A 254 -2.59 19.50 28.01
N THR A 255 -3.19 18.46 28.64
CA THR A 255 -4.40 18.65 29.43
C THR A 255 -3.95 19.17 30.78
N LEU A 256 -4.81 19.95 31.41
CA LEU A 256 -4.59 20.38 32.77
C LEU A 256 -5.23 19.33 33.70
N ASN A 257 -6.39 18.81 33.29
CA ASN A 257 -7.17 17.77 33.94
C ASN A 257 -6.66 16.43 33.42
N ILE A 258 -5.60 15.89 34.05
CA ILE A 258 -5.06 14.59 33.63
C ILE A 258 -5.38 13.51 34.69
N SER A 259 -6.07 12.42 34.26
CA SER A 259 -6.50 11.31 35.13
C SER A 259 -5.39 10.80 36.06
N ASP A 260 -5.74 10.58 37.36
CA ASP A 260 -4.78 10.12 38.37
C ASP A 260 -3.98 8.90 37.95
N GLU A 261 -4.66 8.00 37.21
CA GLU A 261 -4.11 6.77 36.63
C GLU A 261 -2.77 7.04 35.92
N PHE A 262 -2.68 8.21 35.26
CA PHE A 262 -1.57 8.63 34.42
C PHE A 262 -0.69 9.71 35.00
N SER A 263 -0.97 10.18 36.22
CA SER A 263 -0.18 11.20 36.92
C SER A 263 1.28 10.83 37.05
N SER A 264 1.58 9.54 37.30
CA SER A 264 2.96 9.07 37.44
C SER A 264 3.79 9.36 36.19
N ASN A 265 3.16 9.45 35.00
CA ASN A 265 3.93 9.68 33.77
C ASN A 265 3.94 11.13 33.28
N VAL A 266 3.35 12.07 34.03
CA VAL A 266 3.28 13.46 33.59
C VAL A 266 4.65 14.07 33.26
N ALA A 267 5.67 13.91 34.13
CA ALA A 267 6.99 14.50 33.84
C ALA A 267 7.59 13.90 32.55
N ASN A 268 7.47 12.56 32.38
CA ASN A 268 7.93 11.85 31.20
C ASN A 268 7.18 12.33 29.93
N TYR A 269 5.86 12.59 30.03
CA TYR A 269 5.07 13.09 28.90
C TYR A 269 5.52 14.47 28.50
N GLN A 270 5.91 15.32 29.48
CA GLN A 270 6.43 16.65 29.20
C GLN A 270 7.80 16.53 28.54
N LYS A 271 8.64 15.57 28.97
CA LYS A 271 9.95 15.29 28.36
C LYS A 271 9.75 14.93 26.89
N VAL A 272 8.74 14.08 26.60
CA VAL A 272 8.37 13.69 25.24
C VAL A 272 8.12 14.94 24.33
N GLY A 273 7.39 15.94 24.84
CA GLY A 273 7.11 17.14 24.05
C GLY A 273 8.26 18.12 23.94
N MET A 274 9.31 17.94 24.74
CA MET A 274 10.47 18.84 24.74
C MET A 274 11.74 18.32 24.07
N GLN A 275 11.61 17.24 23.30
CA GLN A 275 12.68 16.60 22.53
C GLN A 275 12.07 16.07 21.22
N LYS A 276 12.86 15.98 20.14
CA LYS A 276 12.38 15.42 18.87
C LYS A 276 12.06 13.92 19.06
N TYR A 277 12.95 13.19 19.73
CA TYR A 277 12.70 11.78 19.99
C TYR A 277 13.08 11.44 21.41
N SER A 278 12.42 10.45 21.97
CA SER A 278 12.71 10.00 23.32
C SER A 278 12.67 8.48 23.41
N THR A 279 13.49 7.93 24.29
CA THR A 279 13.54 6.48 24.48
C THR A 279 12.96 6.17 25.86
N LEU A 280 12.17 5.12 25.92
CA LEU A 280 11.58 4.67 27.18
C LEU A 280 11.93 3.17 27.40
N GLN A 281 12.76 2.88 28.43
CA GLN A 281 13.04 1.49 28.76
C GLN A 281 12.01 1.07 29.80
N GLY A 282 11.21 0.09 29.41
CA GLY A 282 10.20 -0.45 30.27
C GLY A 282 10.39 -1.93 30.50
N PRO A 283 10.97 -2.31 31.64
CA PRO A 283 11.08 -3.75 31.98
C PRO A 283 9.70 -4.44 32.00
N PRO A 284 9.63 -5.78 32.06
CA PRO A 284 8.31 -6.45 32.04
C PRO A 284 7.33 -5.95 33.11
N GLY A 285 6.10 -5.70 32.70
CA GLY A 285 4.99 -5.31 33.58
C GLY A 285 5.17 -3.98 34.28
N THR A 286 5.96 -3.07 33.71
CA THR A 286 6.21 -1.75 34.30
C THR A 286 5.28 -0.64 33.77
N GLY A 287 4.42 -0.96 32.82
CA GLY A 287 3.45 0.01 32.31
C GLY A 287 3.76 0.60 30.95
N LYS A 288 4.39 -0.14 30.02
CA LYS A 288 4.69 0.39 28.70
C LYS A 288 3.40 0.75 27.92
N SER A 289 2.40 -0.15 27.83
CA SER A 289 1.17 0.16 27.08
C SER A 289 0.42 1.31 27.75
N HIS A 290 0.40 1.30 29.09
CA HIS A 290 -0.24 2.30 29.92
C HIS A 290 0.41 3.67 29.62
N PHE A 291 1.74 3.71 29.54
CA PHE A 291 2.47 4.92 29.20
C PHE A 291 2.09 5.38 27.80
N ALA A 292 2.14 4.46 26.83
CA ALA A 292 1.85 4.75 25.43
C ALA A 292 0.45 5.32 25.24
N ILE A 293 -0.58 4.73 25.86
CA ILE A 293 -1.96 5.21 25.71
C ILE A 293 -2.19 6.50 26.52
N GLY A 294 -1.51 6.63 27.66
CA GLY A 294 -1.57 7.83 28.50
C GLY A 294 -1.00 9.08 27.84
N LEU A 295 -0.16 8.88 26.85
CA LEU A 295 0.42 9.98 26.09
C LEU A 295 -0.70 10.64 25.27
N ALA A 296 -1.67 9.84 24.73
CA ALA A 296 -2.81 10.32 23.98
C ALA A 296 -3.73 11.14 24.86
N LEU A 297 -3.95 10.70 26.12
CA LEU A 297 -4.77 11.42 27.07
C LEU A 297 -4.08 12.69 27.56
N TYR A 298 -2.74 12.68 27.66
CA TYR A 298 -2.02 13.87 28.10
C TYR A 298 -1.97 14.93 27.01
N TYR A 299 -1.90 14.55 25.72
CA TYR A 299 -1.94 15.52 24.59
C TYR A 299 -3.19 15.16 23.78
N PRO A 300 -4.39 15.53 24.30
CA PRO A 300 -5.64 15.02 23.74
C PRO A 300 -5.98 15.35 22.28
N SER A 301 -5.41 16.43 21.74
CA SER A 301 -5.67 16.78 20.34
C SER A 301 -4.59 16.24 19.36
N ALA A 302 -3.48 15.68 19.90
CA ALA A 302 -2.40 15.13 19.08
C ALA A 302 -2.79 13.89 18.28
N ARG A 303 -2.37 13.86 17.01
CA ARG A 303 -2.59 12.72 16.13
C ARG A 303 -1.41 11.76 16.42
N ILE A 304 -1.71 10.54 16.86
CA ILE A 304 -0.68 9.58 17.21
C ILE A 304 -0.75 8.32 16.38
N VAL A 305 0.38 7.96 15.78
CA VAL A 305 0.49 6.73 15.05
C VAL A 305 1.24 5.76 15.98
N TYR A 306 0.61 4.63 16.32
CA TYR A 306 1.17 3.57 17.16
C TYR A 306 1.62 2.46 16.24
N THR A 307 2.92 2.17 16.27
CA THR A 307 3.49 1.15 15.42
C THR A 307 4.39 0.21 16.19
N ALA A 308 4.59 -0.99 15.64
CA ALA A 308 5.48 -2.03 16.14
C ALA A 308 5.73 -3.04 15.00
N CYS A 309 6.75 -3.92 15.10
CA CYS A 309 7.02 -4.87 14.00
C CYS A 309 5.96 -5.91 13.85
N SER A 310 5.50 -6.46 14.98
CA SER A 310 4.53 -7.54 14.94
C SER A 310 3.07 -7.10 15.09
N HIS A 311 2.17 -7.91 14.54
CA HIS A 311 0.73 -7.74 14.70
C HIS A 311 0.35 -7.88 16.16
N ALA A 312 1.00 -8.82 16.89
CA ALA A 312 0.72 -8.99 18.32
C ALA A 312 1.04 -7.71 19.13
N ALA A 313 2.20 -7.06 18.86
CA ALA A 313 2.53 -5.83 19.60
C ALA A 313 1.54 -4.72 19.28
N VAL A 314 1.15 -4.59 17.98
CA VAL A 314 0.20 -3.56 17.57
C VAL A 314 -1.18 -3.79 18.25
N ASP A 315 -1.65 -5.07 18.28
CA ASP A 315 -2.92 -5.48 18.92
C ASP A 315 -2.93 -5.22 20.42
N ALA A 316 -1.80 -5.45 21.10
CA ALA A 316 -1.70 -5.17 22.53
C ALA A 316 -1.89 -3.66 22.79
N LEU A 317 -1.37 -2.79 21.88
CA LEU A 317 -1.59 -1.35 22.01
C LEU A 317 -3.07 -1.00 21.76
N CYS A 318 -3.72 -1.68 20.76
CA CYS A 318 -5.14 -1.53 20.45
C CYS A 318 -5.99 -1.86 21.70
N GLU A 319 -5.70 -3.00 22.36
CA GLU A 319 -6.43 -3.44 23.54
C GLU A 319 -6.41 -2.38 24.64
N LYS A 320 -5.22 -1.80 24.89
CA LYS A 320 -5.07 -0.75 25.88
C LYS A 320 -5.84 0.52 25.47
N ALA A 321 -5.77 0.89 24.15
CA ALA A 321 -6.49 2.06 23.62
C ALA A 321 -8.00 1.89 23.69
N LEU A 322 -8.50 0.67 23.45
CA LEU A 322 -9.92 0.35 23.51
C LEU A 322 -10.53 0.75 24.89
N LYS A 323 -9.71 0.60 25.96
CA LYS A 323 -10.06 0.90 27.34
C LYS A 323 -10.01 2.42 27.72
N TYR A 324 -9.18 3.23 27.03
CA TYR A 324 -9.00 4.63 27.43
C TYR A 324 -9.31 5.69 26.39
N LEU A 325 -9.22 5.33 25.13
CA LEU A 325 -9.40 6.27 24.03
C LEU A 325 -10.71 6.05 23.32
N PRO A 326 -11.29 7.15 22.76
CA PRO A 326 -12.56 7.00 22.02
C PRO A 326 -12.39 6.10 20.82
N ILE A 327 -13.15 5.01 20.76
CA ILE A 327 -13.09 4.01 19.69
C ILE A 327 -13.32 4.58 18.28
N ASP A 328 -14.10 5.66 18.15
CA ASP A 328 -14.37 6.29 16.85
C ASP A 328 -13.18 7.07 16.28
N LYS A 329 -12.19 7.40 17.13
CA LYS A 329 -11.00 8.10 16.66
C LYS A 329 -9.79 7.17 16.43
N CYS A 330 -10.03 5.83 16.51
CA CYS A 330 -9.06 4.77 16.32
C CYS A 330 -9.27 3.99 15.01
N SER A 331 -8.16 3.56 14.43
CA SER A 331 -8.19 2.72 13.25
C SER A 331 -7.03 1.72 13.26
N ARG A 332 -7.34 0.46 12.94
CA ARG A 332 -6.34 -0.58 12.81
C ARG A 332 -6.04 -0.74 11.30
N ILE A 333 -4.79 -0.50 10.87
CA ILE A 333 -4.41 -0.65 9.46
C ILE A 333 -3.97 -2.09 9.25
N ILE A 334 -4.59 -2.78 8.30
CA ILE A 334 -4.35 -4.17 7.98
C ILE A 334 -4.03 -4.31 6.50
N PRO A 335 -2.87 -4.91 6.17
CA PRO A 335 -2.52 -5.09 4.75
C PRO A 335 -3.42 -6.14 4.11
N ALA A 336 -3.89 -5.87 2.88
CA ALA A 336 -4.76 -6.74 2.10
C ALA A 336 -4.21 -8.19 2.05
N ARG A 337 -2.87 -8.35 2.05
CA ARG A 337 -2.26 -9.68 2.12
C ARG A 337 -2.19 -10.07 3.60
N ALA A 338 -3.37 -10.41 4.17
CA ALA A 338 -3.53 -10.78 5.57
C ALA A 338 -2.85 -12.12 5.88
N ARG A 339 -1.89 -12.08 6.80
CA ARG A 339 -1.06 -13.22 7.21
C ARG A 339 -1.59 -13.88 8.51
N VAL A 340 -1.88 -13.07 9.55
CA VAL A 340 -2.48 -13.59 10.79
C VAL A 340 -3.71 -12.75 11.17
N GLU A 341 -4.59 -13.31 12.01
CA GLU A 341 -5.79 -12.64 12.50
C GLU A 341 -5.35 -11.55 13.49
N CYS A 342 -5.94 -10.36 13.40
CA CYS A 342 -5.59 -9.28 14.32
C CYS A 342 -6.82 -8.47 14.80
N PHE A 343 -6.59 -7.42 15.60
CA PHE A 343 -7.57 -6.56 16.25
C PHE A 343 -8.73 -6.14 15.36
N ASP A 344 -9.98 -6.47 15.80
CA ASP A 344 -11.29 -6.26 15.12
C ASP A 344 -12.18 -5.07 15.59
N LYS A 345 -11.99 -4.58 16.82
CA LYS A 345 -12.86 -3.54 17.40
C LYS A 345 -12.70 -2.11 16.85
N PHE A 346 -11.69 -1.79 16.02
CA PHE A 346 -11.56 -0.42 15.45
C PHE A 346 -11.95 -0.45 13.97
N LYS A 347 -12.27 0.73 13.38
CA LYS A 347 -12.56 0.79 11.94
C LYS A 347 -11.26 0.42 11.19
N VAL A 348 -11.36 -0.48 10.21
CA VAL A 348 -10.18 -0.97 9.51
C VAL A 348 -9.79 -0.11 8.30
N ASN A 349 -8.49 0.25 8.22
CA ASN A 349 -7.84 0.94 7.11
C ASN A 349 -8.32 2.37 6.87
N SER A 350 -8.57 3.11 7.95
CA SER A 350 -8.95 4.51 7.86
C SER A 350 -7.74 5.30 8.32
N THR A 351 -6.81 5.54 7.39
CA THR A 351 -5.53 6.23 7.60
C THR A 351 -5.63 7.61 8.31
N LEU A 352 -6.77 8.29 8.20
CA LEU A 352 -6.92 9.63 8.76
C LEU A 352 -7.58 9.72 10.16
N GLU A 353 -7.77 8.58 10.87
CA GLU A 353 -8.30 8.63 12.24
C GLU A 353 -7.20 9.20 13.15
N GLN A 354 -7.58 9.93 14.20
CA GLN A 354 -6.61 10.53 15.12
C GLN A 354 -5.58 9.52 15.68
N TYR A 355 -6.03 8.28 15.89
CA TYR A 355 -5.20 7.19 16.42
C TYR A 355 -5.10 6.08 15.40
N VAL A 356 -3.90 5.86 14.89
CA VAL A 356 -3.67 4.83 13.89
C VAL A 356 -2.75 3.74 14.45
N PHE A 357 -3.17 2.48 14.37
CA PHE A 357 -2.41 1.37 14.91
C PHE A 357 -2.06 0.50 13.72
N CYS A 358 -0.76 0.32 13.48
CA CYS A 358 -0.31 -0.35 12.26
C CYS A 358 1.09 -0.93 12.40
N THR A 359 1.34 -2.14 11.83
CA THR A 359 2.68 -2.71 11.86
C THR A 359 3.62 -1.87 10.95
N VAL A 360 4.95 -1.90 11.22
CA VAL A 360 5.91 -1.14 10.41
C VAL A 360 5.76 -1.43 8.89
N ASN A 361 5.67 -2.72 8.50
CA ASN A 361 5.60 -3.15 7.09
C ASN A 361 4.37 -2.71 6.34
N ALA A 362 3.31 -2.27 7.06
CA ALA A 362 2.04 -1.82 6.47
C ALA A 362 1.80 -0.30 6.58
N LEU A 363 2.75 0.44 7.17
CA LEU A 363 2.58 1.86 7.39
C LEU A 363 2.30 2.64 6.14
N PRO A 364 1.26 3.48 6.16
CA PRO A 364 1.03 4.35 5.01
C PRO A 364 1.97 5.58 5.09
N GLU A 365 2.02 6.36 4.01
CA GLU A 365 2.82 7.58 3.98
C GLU A 365 1.94 8.64 4.59
N THR A 366 2.25 9.05 5.82
CA THR A 366 1.44 10.02 6.54
C THR A 366 2.29 10.87 7.52
N THR A 367 1.65 11.83 8.17
CA THR A 367 2.27 12.66 9.17
C THR A 367 1.57 12.39 10.53
N ALA A 368 2.17 12.88 11.61
CA ALA A 368 1.63 12.69 12.96
C ALA A 368 2.24 13.71 13.91
N ASP A 369 1.56 13.99 15.01
CA ASP A 369 2.14 14.84 16.06
C ASP A 369 3.13 13.98 16.88
N ILE A 370 2.77 12.71 17.13
CA ILE A 370 3.61 11.77 17.84
C ILE A 370 3.54 10.42 17.12
N VAL A 371 4.69 9.78 17.00
CA VAL A 371 4.76 8.42 16.50
C VAL A 371 5.26 7.65 17.73
N VAL A 372 4.53 6.58 18.12
CA VAL A 372 4.98 5.73 19.23
C VAL A 372 5.41 4.42 18.60
N PHE A 373 6.70 4.05 18.71
CA PHE A 373 7.21 2.79 18.13
C PHE A 373 7.50 1.87 19.32
N ASP A 374 6.67 0.86 19.50
CA ASP A 374 6.72 -0.07 20.63
C ASP A 374 7.51 -1.35 20.31
N GLU A 375 7.87 -2.12 21.37
CA GLU A 375 8.65 -3.36 21.33
C GLU A 375 9.93 -3.13 20.51
N ILE A 376 10.65 -2.06 20.89
CA ILE A 376 11.82 -1.59 20.16
C ILE A 376 12.95 -2.62 20.13
N SER A 377 13.07 -3.53 21.11
CA SER A 377 14.12 -4.55 21.03
C SER A 377 13.95 -5.47 19.78
N MET A 378 12.71 -5.62 19.26
CA MET A 378 12.41 -6.45 18.10
C MET A 378 12.63 -5.76 16.76
N ALA A 379 12.85 -4.45 16.75
CA ALA A 379 13.08 -3.72 15.51
C ALA A 379 14.51 -3.92 15.06
N THR A 380 14.70 -3.80 13.74
CA THR A 380 16.01 -3.78 13.09
C THR A 380 16.24 -2.34 12.63
N ASN A 381 17.46 -2.01 12.20
CA ASN A 381 17.71 -0.69 11.60
C ASN A 381 16.91 -0.49 10.32
N TYR A 382 16.59 -1.59 9.60
CA TYR A 382 15.76 -1.54 8.41
C TYR A 382 14.37 -0.96 8.78
N ASP A 383 13.75 -1.50 9.85
CA ASP A 383 12.47 -1.02 10.39
C ASP A 383 12.56 0.43 10.87
N LEU A 384 13.63 0.79 11.62
CA LEU A 384 13.83 2.14 12.13
C LEU A 384 13.82 3.16 10.99
N SER A 385 14.50 2.82 9.89
CA SER A 385 14.57 3.66 8.70
C SER A 385 13.21 3.76 7.99
N VAL A 386 12.49 2.62 7.81
CA VAL A 386 11.17 2.58 7.17
C VAL A 386 10.20 3.49 7.89
N VAL A 387 10.20 3.45 9.23
CA VAL A 387 9.34 4.32 10.01
C VAL A 387 9.66 5.80 9.73
N ASN A 388 10.94 6.20 9.78
CA ASN A 388 11.29 7.58 9.49
C ASN A 388 10.93 8.02 8.07
N ALA A 389 10.93 7.07 7.11
CA ALA A 389 10.58 7.33 5.71
C ALA A 389 9.08 7.44 5.46
N ARG A 390 8.25 6.69 6.21
CA ARG A 390 6.79 6.72 5.97
C ARG A 390 6.04 7.70 6.88
N LEU A 391 6.63 8.03 8.04
CA LEU A 391 6.00 8.91 9.02
C LEU A 391 6.81 10.19 9.32
N ARG A 392 6.22 11.35 8.99
CA ARG A 392 6.86 12.63 9.32
C ARG A 392 6.14 13.15 10.55
N ALA A 393 6.82 13.18 11.70
CA ALA A 393 6.20 13.54 12.96
C ALA A 393 6.95 14.60 13.74
N LYS A 394 6.26 15.30 14.64
CA LYS A 394 6.90 16.29 15.50
C LYS A 394 7.70 15.59 16.59
N HIS A 395 7.20 14.43 17.09
CA HIS A 395 7.87 13.66 18.15
C HIS A 395 7.84 12.19 17.86
N TYR A 396 8.93 11.51 18.21
CA TYR A 396 9.03 10.06 18.04
C TYR A 396 9.33 9.49 19.42
N VAL A 397 8.53 8.52 19.88
CA VAL A 397 8.77 7.88 21.17
C VAL A 397 9.07 6.41 20.94
N TYR A 398 10.23 5.94 21.38
CA TYR A 398 10.62 4.56 21.19
C TYR A 398 10.48 3.85 22.49
N ILE A 399 9.59 2.87 22.54
CA ILE A 399 9.33 2.10 23.77
C ILE A 399 9.77 0.63 23.61
N GLY A 400 10.45 0.13 24.63
CA GLY A 400 10.84 -1.27 24.66
C GLY A 400 11.76 -1.55 25.79
N ASP A 401 12.59 -2.55 25.60
CA ASP A 401 13.51 -2.98 26.63
C ASP A 401 14.66 -3.74 25.98
N PRO A 402 15.89 -3.20 26.04
CA PRO A 402 17.05 -3.91 25.48
C PRO A 402 17.42 -5.17 26.26
N ALA A 403 16.81 -5.42 27.45
CA ALA A 403 16.98 -6.65 28.21
C ALA A 403 15.98 -7.76 27.75
N GLN A 404 15.13 -7.47 26.74
CA GLN A 404 14.25 -8.46 26.19
C GLN A 404 14.79 -8.94 24.81
N LEU A 405 14.04 -9.77 24.09
CA LEU A 405 14.52 -10.41 22.90
C LEU A 405 14.56 -9.55 21.64
N PRO A 406 15.60 -9.75 20.82
CA PRO A 406 15.67 -9.04 19.54
C PRO A 406 15.02 -9.86 18.41
N ALA A 407 14.93 -9.27 17.22
CA ALA A 407 14.43 -9.97 16.04
C ALA A 407 15.46 -11.08 15.70
N PRO A 408 15.01 -12.25 15.29
CA PRO A 408 15.95 -13.32 14.90
C PRO A 408 16.81 -12.87 13.71
N ARG A 409 18.11 -13.19 13.75
CA ARG A 409 19.01 -12.89 12.65
C ARG A 409 19.28 -14.23 12.01
N THR A 410 18.48 -14.59 11.01
CA THR A 410 18.56 -15.89 10.36
C THR A 410 19.96 -16.25 9.86
N LEU A 411 20.74 -15.26 9.38
CA LEU A 411 22.09 -15.54 8.87
C LEU A 411 23.15 -15.68 9.96
N LEU A 412 22.95 -15.06 11.10
CA LEU A 412 23.91 -15.07 12.21
C LEU A 412 24.02 -16.42 12.90
N THR A 413 25.22 -17.03 12.82
CA THR A 413 25.52 -18.31 13.42
C THR A 413 26.72 -18.27 14.35
N LYS A 414 27.61 -17.27 14.20
CA LYS A 414 28.82 -17.20 15.02
C LYS A 414 28.84 -15.95 15.89
N GLY A 415 28.93 -16.15 17.19
CA GLY A 415 28.96 -15.05 18.14
C GLY A 415 27.57 -14.70 18.62
N THR A 416 27.53 -13.97 19.71
CA THR A 416 26.25 -13.55 20.28
C THR A 416 26.06 -12.07 20.05
N LEU A 417 24.83 -11.68 19.70
CA LEU A 417 24.48 -10.29 19.45
C LEU A 417 24.05 -9.62 20.76
N GLU A 418 24.91 -8.75 21.33
CA GLU A 418 24.60 -8.05 22.57
C GLU A 418 23.52 -6.97 22.35
N PRO A 419 22.73 -6.67 23.42
CA PRO A 419 21.64 -5.67 23.29
C PRO A 419 22.00 -4.31 22.69
N GLU A 420 23.19 -3.79 22.99
CA GLU A 420 23.62 -2.52 22.42
C GLU A 420 23.78 -2.53 20.88
N TYR A 421 23.65 -3.70 20.27
CA TYR A 421 23.74 -3.82 18.83
C TYR A 421 22.43 -4.28 18.19
N PHE A 422 21.30 -4.32 18.94
CA PHE A 422 20.05 -4.77 18.34
C PHE A 422 19.60 -3.80 17.25
N ASN A 423 19.76 -2.50 17.52
CA ASN A 423 19.38 -1.42 16.60
C ASN A 423 19.85 -0.08 17.22
N SER A 424 19.68 1.03 16.49
CA SER A 424 20.14 2.35 16.96
C SER A 424 19.50 2.77 18.29
N VAL A 425 18.21 2.47 18.49
CA VAL A 425 17.55 2.86 19.73
C VAL A 425 18.14 2.09 20.92
N CYS A 426 18.29 0.75 20.76
CA CYS A 426 18.87 -0.08 21.83
C CYS A 426 20.29 0.29 22.09
N ARG A 427 21.05 0.68 21.04
CA ARG A 427 22.42 1.14 21.25
C ARG A 427 22.43 2.40 22.16
N LEU A 428 21.53 3.35 21.89
CA LEU A 428 21.43 4.54 22.72
C LEU A 428 21.05 4.19 24.15
N MET A 429 20.03 3.33 24.33
CA MET A 429 19.59 2.95 25.67
C MET A 429 20.69 2.25 26.48
N LYS A 430 21.57 1.51 25.80
CA LYS A 430 22.63 0.80 26.49
C LYS A 430 23.92 1.61 26.69
N THR A 431 24.10 2.69 25.93
CA THR A 431 25.31 3.53 26.05
C THR A 431 25.06 4.81 26.90
N ILE A 432 24.21 5.71 26.40
CA ILE A 432 23.90 6.96 27.14
C ILE A 432 22.73 6.78 28.15
N GLY A 433 22.02 5.64 28.07
CA GLY A 433 20.87 5.39 28.91
C GLY A 433 19.59 5.84 28.25
N PRO A 434 18.46 5.25 28.66
CA PRO A 434 17.18 5.69 28.10
C PRO A 434 16.80 7.06 28.68
N ASP A 435 16.00 7.83 27.95
CA ASP A 435 15.52 9.12 28.44
C ASP A 435 14.58 8.89 29.63
N MET A 436 13.78 7.82 29.56
CA MET A 436 12.82 7.49 30.60
C MET A 436 12.94 5.99 30.97
N PHE A 437 12.73 5.64 32.25
CA PHE A 437 12.80 4.24 32.74
C PHE A 437 11.63 3.96 33.67
N LEU A 438 10.82 2.91 33.38
CA LEU A 438 9.70 2.56 34.27
C LEU A 438 10.29 1.58 35.32
N GLY A 439 10.47 2.06 36.54
CA GLY A 439 11.19 1.30 37.55
C GLY A 439 10.45 0.33 38.44
N THR A 440 9.13 0.23 38.29
CA THR A 440 8.37 -0.66 39.19
C THR A 440 7.58 -1.71 38.43
N CYS A 441 7.96 -2.97 38.64
CA CYS A 441 7.26 -4.08 38.03
C CYS A 441 5.99 -4.37 38.82
N ARG A 442 4.84 -4.23 38.20
CA ARG A 442 3.56 -4.50 38.87
C ARG A 442 3.01 -5.91 38.58
N ARG A 443 3.65 -6.65 37.67
CA ARG A 443 3.14 -7.96 37.27
C ARG A 443 3.59 -9.12 38.16
N CYS A 444 4.90 -9.19 38.40
CA CYS A 444 5.54 -10.37 38.90
C CYS A 444 5.65 -10.46 40.41
N PRO A 445 5.58 -11.73 40.93
CA PRO A 445 5.93 -11.93 42.35
C PRO A 445 7.35 -11.39 42.62
N ALA A 446 7.62 -10.89 43.83
CA ALA A 446 8.92 -10.29 44.13
C ALA A 446 10.12 -11.21 43.87
N GLU A 447 9.99 -12.54 44.02
CA GLU A 447 11.08 -13.49 43.72
C GLU A 447 11.58 -13.32 42.28
N ILE A 448 10.66 -13.15 41.32
CA ILE A 448 11.02 -12.96 39.91
C ILE A 448 11.63 -11.57 39.70
N VAL A 449 10.98 -10.53 40.27
CA VAL A 449 11.50 -9.17 40.14
C VAL A 449 12.94 -9.03 40.67
N ASP A 450 13.20 -9.54 41.88
CA ASP A 450 14.51 -9.49 42.49
C ASP A 450 15.56 -10.20 41.64
N THR A 451 15.20 -11.38 41.08
CA THR A 451 16.12 -12.13 40.21
C THR A 451 16.50 -11.34 38.92
N VAL A 452 15.51 -10.85 38.13
CA VAL A 452 15.80 -10.15 36.89
C VAL A 452 16.38 -8.76 37.15
N SER A 453 16.00 -8.10 38.27
CA SER A 453 16.56 -6.80 38.64
C SER A 453 18.06 -6.91 38.77
N ALA A 454 18.54 -7.94 39.49
CA ALA A 454 19.97 -8.18 39.64
C ALA A 454 20.60 -8.71 38.33
N LEU A 455 19.86 -9.56 37.59
CA LEU A 455 20.36 -10.17 36.36
C LEU A 455 20.63 -9.17 35.22
N VAL A 456 19.62 -8.36 34.85
CA VAL A 456 19.76 -7.48 33.68
C VAL A 456 19.47 -6.01 33.91
N TYR A 457 18.95 -5.61 35.09
CA TYR A 457 18.55 -4.23 35.30
C TYR A 457 19.41 -3.43 36.26
N ASP A 458 20.62 -3.91 36.59
CA ASP A 458 21.54 -3.22 37.54
C ASP A 458 20.87 -2.87 38.87
N ASN A 459 19.99 -3.75 39.36
CA ASN A 459 19.26 -3.57 40.61
C ASN A 459 18.37 -2.36 40.64
N LYS A 460 17.93 -1.86 39.47
CA LYS A 460 17.05 -0.68 39.35
C LYS A 460 15.57 -1.04 39.26
N LEU A 461 15.25 -2.31 39.02
CA LEU A 461 13.86 -2.73 38.92
C LEU A 461 13.34 -3.10 40.32
N LYS A 462 12.24 -2.47 40.74
CA LYS A 462 11.63 -2.68 42.04
C LYS A 462 10.34 -3.52 41.95
N ALA A 463 10.07 -4.32 42.99
CA ALA A 463 8.86 -5.16 43.01
C ALA A 463 7.70 -4.40 43.62
N HIS A 464 6.54 -4.44 43.00
CA HIS A 464 5.34 -3.85 43.56
C HIS A 464 4.67 -4.97 44.41
N LYS A 465 4.54 -6.18 43.87
CA LYS A 465 3.94 -7.29 44.58
C LYS A 465 4.87 -7.84 45.62
N ASP A 466 4.29 -8.53 46.61
CA ASP A 466 5.08 -9.22 47.61
C ASP A 466 5.61 -10.52 46.91
N LYS A 467 6.48 -11.27 47.61
CA LYS A 467 6.88 -12.61 47.18
C LYS A 467 5.60 -13.48 47.24
N SER A 468 5.37 -14.25 46.19
CA SER A 468 4.17 -15.09 46.14
C SER A 468 4.33 -16.41 46.89
N ALA A 469 5.59 -16.81 47.19
CA ALA A 469 5.94 -18.12 47.72
C ALA A 469 5.43 -19.24 46.81
N GLN A 470 5.20 -18.94 45.50
CA GLN A 470 4.81 -19.90 44.48
C GLN A 470 5.84 -19.92 43.33
N CYS A 471 7.11 -19.53 43.59
CA CYS A 471 8.18 -19.52 42.60
C CYS A 471 9.16 -20.56 43.03
N PHE A 472 9.26 -21.63 42.24
CA PHE A 472 10.08 -22.82 42.51
C PHE A 472 11.12 -23.09 41.42
N LYS A 473 12.22 -23.70 41.82
CA LYS A 473 13.30 -24.05 40.93
C LYS A 473 13.75 -25.46 41.25
N MET A 474 14.18 -26.16 40.21
CA MET A 474 14.69 -27.50 40.36
C MET A 474 15.82 -27.67 39.41
N PHE A 475 16.93 -28.18 39.89
CA PHE A 475 18.10 -28.37 39.08
C PHE A 475 18.01 -29.82 38.58
N TYR A 476 17.72 -30.00 37.29
CA TYR A 476 17.54 -31.35 36.73
C TYR A 476 17.97 -31.38 35.24
N LYS A 477 19.16 -31.88 34.96
CA LYS A 477 19.68 -31.89 33.61
C LYS A 477 18.93 -32.82 32.66
N GLY A 478 18.36 -33.92 33.18
CA GLY A 478 17.57 -34.83 32.36
C GLY A 478 18.38 -35.42 31.21
N VAL A 479 17.74 -35.57 30.03
CA VAL A 479 18.37 -36.17 28.84
C VAL A 479 17.98 -35.35 27.66
N ILE A 480 18.95 -34.93 26.85
CA ILE A 480 18.66 -34.09 25.70
C ILE A 480 18.66 -34.88 24.43
N THR A 481 17.52 -34.90 23.77
CA THR A 481 17.39 -35.50 22.45
C THR A 481 17.17 -34.33 21.47
N HIS A 482 17.28 -34.59 20.18
CA HIS A 482 17.13 -33.53 19.16
C HIS A 482 16.28 -33.95 17.99
N ASP A 483 15.38 -33.05 17.57
CA ASP A 483 14.50 -33.14 16.39
C ASP A 483 15.23 -32.19 15.47
N VAL A 484 16.21 -32.76 14.75
CA VAL A 484 17.16 -32.08 13.89
C VAL A 484 18.16 -31.35 14.84
N SER A 485 17.94 -30.06 15.13
CA SER A 485 18.73 -29.23 16.02
C SER A 485 17.86 -28.64 17.16
N SER A 486 16.50 -28.69 17.01
CA SER A 486 15.57 -28.27 18.05
C SER A 486 15.61 -29.38 19.10
N ALA A 487 15.74 -29.00 20.35
CA ALA A 487 15.98 -29.90 21.44
C ALA A 487 14.75 -30.33 22.24
N ILE A 488 14.82 -31.49 22.81
CA ILE A 488 13.76 -32.07 23.64
C ILE A 488 14.43 -32.62 24.89
N ASN A 489 13.77 -32.50 26.05
CA ASN A 489 14.25 -33.09 27.30
C ASN A 489 13.02 -33.75 27.98
N ARG A 490 12.75 -35.02 27.61
CA ARG A 490 11.60 -35.77 28.14
C ARG A 490 11.66 -35.90 29.67
N PRO A 491 12.82 -36.22 30.29
CA PRO A 491 12.89 -36.27 31.76
C PRO A 491 12.48 -34.94 32.45
N GLN A 492 12.76 -33.76 31.86
CA GLN A 492 12.32 -32.50 32.45
C GLN A 492 10.80 -32.37 32.41
N ILE A 493 10.18 -32.86 31.30
CA ILE A 493 8.72 -32.90 31.19
C ILE A 493 8.11 -33.93 32.20
N GLY A 494 8.83 -35.04 32.47
CA GLY A 494 8.42 -36.05 33.42
C GLY A 494 8.43 -35.49 34.82
N VAL A 495 9.44 -34.67 35.15
CA VAL A 495 9.48 -33.99 36.45
C VAL A 495 8.25 -33.03 36.56
N VAL A 496 7.91 -32.32 35.48
CA VAL A 496 6.76 -31.44 35.47
C VAL A 496 5.47 -32.21 35.70
N ARG A 497 5.32 -33.34 35.03
CA ARG A 497 4.14 -34.20 35.17
C ARG A 497 3.96 -34.65 36.64
N GLU A 498 5.06 -35.04 37.31
CA GLU A 498 5.02 -35.40 38.71
C GLU A 498 4.59 -34.20 39.60
N PHE A 499 5.16 -33.05 39.34
CA PHE A 499 4.84 -31.82 40.06
C PHE A 499 3.33 -31.48 39.91
N LEU A 500 2.78 -31.57 38.68
CA LEU A 500 1.37 -31.28 38.46
C LEU A 500 0.44 -32.15 39.28
N THR A 501 0.79 -33.44 39.45
CA THR A 501 -0.04 -34.35 40.25
C THR A 501 -0.15 -33.85 41.71
N ARG A 502 0.91 -33.22 42.24
CA ARG A 502 0.93 -32.72 43.64
C ARG A 502 0.52 -31.26 43.79
N ASN A 503 0.35 -30.55 42.68
CA ASN A 503 0.07 -29.15 42.70
C ASN A 503 -1.05 -28.82 41.72
N PRO A 504 -2.30 -29.24 42.04
CA PRO A 504 -3.43 -29.08 41.10
C PRO A 504 -3.73 -27.66 40.67
N ALA A 505 -3.37 -26.66 41.49
CA ALA A 505 -3.57 -25.25 41.07
C ALA A 505 -2.82 -24.96 39.76
N TRP A 506 -1.68 -25.63 39.56
CA TRP A 506 -0.83 -25.44 38.41
C TRP A 506 -1.36 -26.04 37.11
N ARG A 507 -2.56 -26.68 37.16
CA ARG A 507 -3.25 -27.24 36.01
C ARG A 507 -3.50 -26.20 34.92
N LYS A 508 -3.62 -24.95 35.32
CA LYS A 508 -3.89 -23.81 34.45
C LYS A 508 -2.57 -23.14 33.92
N ALA A 509 -1.38 -23.69 34.25
CA ALA A 509 -0.11 -23.09 33.85
C ALA A 509 0.14 -23.16 32.35
N VAL A 510 0.92 -22.20 31.86
CA VAL A 510 1.39 -22.19 30.49
C VAL A 510 2.77 -22.78 30.55
N PHE A 511 3.03 -23.75 29.67
CA PHE A 511 4.34 -24.41 29.55
C PHE A 511 5.20 -23.57 28.59
N ILE A 512 6.39 -23.22 29.02
CA ILE A 512 7.31 -22.41 28.23
C ILE A 512 8.66 -23.08 28.18
N SER A 513 9.31 -23.06 27.01
CA SER A 513 10.64 -23.58 26.85
C SER A 513 11.36 -22.83 25.72
N PRO A 514 12.68 -22.94 25.62
CA PRO A 514 13.38 -22.25 24.52
C PRO A 514 13.22 -23.03 23.19
N TYR A 515 12.49 -24.18 23.14
CA TYR A 515 12.44 -25.03 21.93
C TYR A 515 11.05 -25.46 21.50
N ASN A 516 10.77 -25.36 20.22
CA ASN A 516 9.47 -25.78 19.68
C ASN A 516 9.25 -27.27 19.88
N SER A 517 10.27 -28.09 19.65
CA SER A 517 10.14 -29.53 19.78
C SER A 517 9.92 -29.96 21.23
N GLN A 518 10.53 -29.24 22.20
CA GLN A 518 10.26 -29.49 23.62
C GLN A 518 8.77 -29.19 23.90
N ASN A 519 8.27 -28.08 23.39
CA ASN A 519 6.89 -27.66 23.54
C ASN A 519 5.90 -28.66 22.91
N ALA A 520 6.24 -29.23 21.75
CA ALA A 520 5.37 -30.22 21.07
C ALA A 520 5.24 -31.48 21.93
N VAL A 521 6.37 -31.92 22.52
CA VAL A 521 6.34 -33.07 23.42
C VAL A 521 5.53 -32.76 24.70
N ALA A 522 5.80 -31.61 25.33
CA ALA A 522 5.10 -31.21 26.54
C ALA A 522 3.58 -31.07 26.29
N SER A 523 3.19 -30.61 25.11
CA SER A 523 1.79 -30.46 24.76
C SER A 523 1.03 -31.79 24.81
N LYS A 524 1.65 -32.85 24.30
CA LYS A 524 1.05 -34.18 24.29
C LYS A 524 1.03 -34.82 25.69
N ILE A 525 2.14 -34.74 26.41
CA ILE A 525 2.26 -35.37 27.72
C ILE A 525 1.52 -34.60 28.84
N LEU A 526 1.61 -33.29 28.84
CA LEU A 526 1.01 -32.47 29.90
C LEU A 526 -0.37 -31.92 29.54
N GLY A 527 -0.61 -31.64 28.27
CA GLY A 527 -1.85 -31.03 27.84
C GLY A 527 -1.95 -29.55 28.17
N LEU A 528 -0.85 -28.94 28.67
CA LEU A 528 -0.81 -27.51 28.99
C LEU A 528 -0.67 -26.73 27.70
N PRO A 529 -1.21 -25.49 27.63
CA PRO A 529 -0.88 -24.62 26.48
C PRO A 529 0.62 -24.33 26.53
N THR A 530 1.19 -24.14 25.38
CA THR A 530 2.62 -24.09 25.17
C THR A 530 3.03 -22.77 24.46
N GLN A 531 4.23 -22.25 24.78
CA GLN A 531 4.83 -21.06 24.15
C GLN A 531 6.31 -21.22 24.17
N THR A 532 6.99 -20.77 23.12
CA THR A 532 8.46 -20.67 23.19
C THR A 532 8.69 -19.39 23.98
N VAL A 533 9.90 -19.18 24.52
CA VAL A 533 10.20 -17.92 25.22
C VAL A 533 9.95 -16.72 24.31
N ASP A 534 10.43 -16.82 23.05
CA ASP A 534 10.33 -15.80 22.03
C ASP A 534 8.86 -15.47 21.72
N SER A 535 7.99 -16.47 21.57
CA SER A 535 6.56 -16.17 21.31
C SER A 535 5.81 -15.65 22.56
N SER A 536 6.29 -15.95 23.78
CA SER A 536 5.64 -15.48 25.03
C SER A 536 5.90 -14.00 25.33
N GLN A 537 6.91 -13.40 24.70
CA GLN A 537 7.27 -11.98 24.91
C GLN A 537 6.09 -11.08 24.69
N GLY A 538 5.79 -10.24 25.68
CA GLY A 538 4.64 -9.34 25.66
C GLY A 538 3.40 -9.92 26.33
N SER A 539 3.41 -11.24 26.63
CA SER A 539 2.28 -11.92 27.25
C SER A 539 2.49 -12.17 28.77
N GLU A 540 1.40 -12.43 29.49
CA GLU A 540 1.48 -12.72 30.91
C GLU A 540 0.48 -13.78 31.26
N TYR A 541 0.86 -14.63 32.20
CA TYR A 541 0.04 -15.75 32.65
C TYR A 541 0.17 -15.88 34.17
N ASP A 542 -0.87 -16.39 34.84
CA ASP A 542 -0.80 -16.55 36.31
C ASP A 542 0.30 -17.52 36.69
N TYR A 543 0.37 -18.66 36.00
CA TYR A 543 1.37 -19.67 36.32
C TYR A 543 2.13 -20.08 35.09
N VAL A 544 3.44 -20.23 35.24
CA VAL A 544 4.31 -20.58 34.15
C VAL A 544 5.15 -21.76 34.57
N ILE A 545 5.27 -22.74 33.68
CA ILE A 545 6.17 -23.84 33.93
C ILE A 545 7.23 -23.72 32.82
N PHE A 546 8.50 -23.61 33.20
CA PHE A 546 9.58 -23.44 32.27
C PHE A 546 10.57 -24.58 32.39
N THR A 547 10.90 -25.24 31.29
CA THR A 547 11.96 -26.25 31.27
C THR A 547 13.08 -25.67 30.41
N GLN A 548 14.27 -25.46 31.01
CA GLN A 548 15.38 -24.91 30.26
C GLN A 548 15.78 -25.76 29.05
N THR A 549 15.51 -27.08 29.11
CA THR A 549 15.72 -28.13 28.07
C THR A 549 17.20 -28.49 27.89
N THR A 550 18.05 -27.49 27.67
CA THR A 550 19.48 -27.68 27.40
C THR A 550 20.28 -26.58 28.14
N GLU A 551 21.63 -26.68 28.11
CA GLU A 551 22.57 -25.68 28.60
C GLU A 551 23.31 -24.96 27.42
N THR A 552 22.63 -24.72 26.29
CA THR A 552 23.26 -24.04 25.16
C THR A 552 23.30 -22.50 25.32
N ALA A 553 23.96 -21.78 24.40
CA ALA A 553 23.99 -20.32 24.41
C ALA A 553 22.54 -19.77 24.24
N HIS A 554 21.73 -20.47 23.42
CA HIS A 554 20.33 -20.14 23.19
C HIS A 554 19.49 -20.23 24.51
N SER A 555 19.56 -21.35 25.23
CA SER A 555 18.76 -21.54 26.42
C SER A 555 19.32 -20.80 27.64
N CYS A 556 20.60 -20.37 27.60
CA CYS A 556 21.23 -19.62 28.68
C CYS A 556 21.27 -18.12 28.45
N ASN A 557 20.79 -17.64 27.28
CA ASN A 557 20.82 -16.24 26.96
C ASN A 557 20.07 -15.42 28.06
N VAL A 558 20.75 -14.43 28.70
CA VAL A 558 20.13 -13.73 29.81
C VAL A 558 18.87 -12.98 29.40
N ASN A 559 18.77 -12.45 28.17
CA ASN A 559 17.55 -11.76 27.71
C ASN A 559 16.40 -12.75 27.58
N ARG A 560 16.68 -13.94 27.03
CA ARG A 560 15.66 -14.97 26.88
C ARG A 560 15.21 -15.46 28.28
N PHE A 561 16.17 -15.65 29.19
CA PHE A 561 15.88 -16.07 30.56
C PHE A 561 14.98 -15.06 31.30
N ASN A 562 15.30 -13.77 31.12
CA ASN A 562 14.56 -12.62 31.66
C ASN A 562 13.11 -12.67 31.17
N VAL A 563 12.90 -12.78 29.85
CA VAL A 563 11.56 -12.85 29.27
C VAL A 563 10.83 -14.09 29.80
N ALA A 564 11.52 -15.24 29.84
CA ALA A 564 10.89 -16.46 30.30
C ALA A 564 10.24 -16.36 31.69
N ILE A 565 10.99 -15.89 32.70
CA ILE A 565 10.49 -15.89 34.07
C ILE A 565 9.59 -14.70 34.40
N THR A 566 9.65 -13.60 33.62
CA THR A 566 8.80 -12.44 33.81
C THR A 566 7.44 -12.57 33.12
N ARG A 567 7.08 -13.76 32.59
CA ARG A 567 5.72 -13.96 32.05
C ARG A 567 4.70 -14.22 33.22
N ALA A 568 5.20 -14.68 34.38
CA ALA A 568 4.36 -15.08 35.51
C ALA A 568 3.86 -13.95 36.41
N LYS A 569 2.56 -13.98 36.68
CA LYS A 569 1.89 -13.04 37.58
C LYS A 569 1.83 -13.60 39.01
N VAL A 570 1.71 -14.94 39.15
CA VAL A 570 1.53 -15.55 40.46
C VAL A 570 2.61 -16.56 40.83
N GLY A 571 2.81 -17.57 39.99
CA GLY A 571 3.79 -18.59 40.26
C GLY A 571 4.57 -19.03 39.04
N ILE A 572 5.75 -19.59 39.28
CA ILE A 572 6.58 -20.14 38.24
C ILE A 572 7.34 -21.34 38.77
N LEU A 573 7.48 -22.36 37.91
CA LEU A 573 8.30 -23.51 38.22
C LEU A 573 9.38 -23.51 37.14
N CYS A 574 10.68 -23.49 37.51
CA CYS A 574 11.78 -23.53 36.55
C CYS A 574 12.53 -24.80 36.72
N ILE A 575 12.58 -25.66 35.70
CA ILE A 575 13.37 -26.89 35.74
C ILE A 575 14.60 -26.48 34.93
N MET A 576 15.73 -26.39 35.61
CA MET A 576 16.95 -25.81 35.04
C MET A 576 17.99 -26.81 34.72
N SER A 577 18.76 -26.49 33.67
CA SER A 577 19.89 -27.29 33.21
C SER A 577 21.22 -26.58 33.58
N ASP A 578 21.23 -25.25 33.61
CA ASP A 578 22.41 -24.44 33.86
C ASP A 578 22.54 -24.10 35.31
N ARG A 579 23.70 -24.43 35.94
CA ARG A 579 23.95 -24.18 37.37
C ARG A 579 23.92 -22.67 37.70
N ASP A 580 24.56 -21.89 36.84
CA ASP A 580 24.67 -20.44 36.98
C ASP A 580 23.27 -19.78 37.11
N LEU A 581 22.40 -19.91 36.08
CA LEU A 581 21.07 -19.33 36.12
C LEU A 581 20.23 -19.95 37.22
N TYR A 582 20.40 -21.27 37.49
CA TYR A 582 19.69 -21.90 38.62
C TYR A 582 20.06 -21.20 39.95
N ASP A 583 21.35 -20.99 40.22
CA ASP A 583 21.79 -20.36 41.47
C ASP A 583 21.32 -18.91 41.59
N LYS A 584 21.15 -18.22 40.46
CA LYS A 584 20.66 -16.86 40.41
C LYS A 584 19.18 -16.77 40.71
N LEU A 585 18.37 -17.81 40.41
CA LEU A 585 16.93 -17.74 40.70
C LEU A 585 16.69 -17.64 42.22
N GLN A 586 16.02 -16.56 42.62
CA GLN A 586 15.74 -16.36 44.05
C GLN A 586 14.42 -17.00 44.37
N PHE A 587 14.34 -18.34 44.12
CA PHE A 587 13.15 -19.16 44.24
C PHE A 587 13.38 -20.24 45.29
N THR A 588 12.30 -20.83 45.75
CA THR A 588 12.35 -21.95 46.67
C THR A 588 12.78 -23.19 45.83
N SER A 589 13.85 -23.88 46.23
CA SER A 589 14.26 -25.07 45.53
C SER A 589 13.41 -26.27 45.93
N LEU A 590 13.11 -27.11 44.95
CA LEU A 590 12.35 -28.32 45.14
C LEU A 590 13.29 -29.51 44.99
N GLU A 591 13.05 -30.56 45.79
CA GLU A 591 13.83 -31.79 45.74
C GLU A 591 13.29 -32.74 44.66
N ILE A 592 14.11 -33.77 44.31
CA ILE A 592 13.97 -34.92 43.37
C ILE A 592 14.87 -34.67 42.16
N VAL B 2 -7.04 21.56 13.74
CA VAL B 2 -6.84 22.87 13.10
C VAL B 2 -6.30 22.74 11.68
N GLY B 3 -6.73 23.66 10.81
CA GLY B 3 -6.36 23.70 9.40
C GLY B 3 -6.93 24.90 8.66
N ALA B 4 -6.73 24.96 7.35
CA ALA B 4 -7.17 26.05 6.50
C ALA B 4 -8.61 25.89 6.00
N CYS B 5 -9.32 27.03 5.79
CA CYS B 5 -10.68 27.10 5.28
C CYS B 5 -10.71 26.70 3.80
N VAL B 6 -11.60 25.78 3.39
CA VAL B 6 -11.69 25.39 1.98
C VAL B 6 -12.25 26.53 1.08
N LEU B 7 -12.84 27.59 1.66
CA LEU B 7 -13.36 28.70 0.84
C LEU B 7 -12.53 29.99 0.90
N CYS B 8 -11.83 30.17 2.04
CA CYS B 8 -11.09 31.38 2.42
C CYS B 8 -9.61 31.24 2.54
N ASN B 9 -9.20 30.06 2.93
CA ASN B 9 -7.87 29.74 3.39
C ASN B 9 -7.66 30.18 4.83
N SER B 10 -8.45 31.18 5.35
CA SER B 10 -8.40 31.71 6.72
C SER B 10 -8.25 30.58 7.74
N GLN B 11 -7.13 30.58 8.52
CA GLN B 11 -6.82 29.57 9.53
C GLN B 11 -8.03 29.23 10.40
N THR B 12 -8.23 27.95 10.81
CA THR B 12 -9.43 27.59 11.56
C THR B 12 -9.37 26.42 12.53
N SER B 13 -10.22 26.47 13.58
CA SER B 13 -10.45 25.42 14.54
C SER B 13 -11.77 24.63 14.22
N LEU B 14 -12.51 25.01 13.16
CA LEU B 14 -13.81 24.43 12.82
C LEU B 14 -13.83 23.63 11.52
N ARG B 15 -14.59 22.53 11.54
CA ARG B 15 -14.88 21.65 10.42
C ARG B 15 -16.38 21.35 10.46
N CYS B 16 -17.03 21.25 9.28
CA CYS B 16 -18.44 20.88 9.25
C CYS B 16 -18.56 19.40 9.49
N GLY B 17 -19.22 19.04 10.57
CA GLY B 17 -19.46 17.64 10.94
C GLY B 17 -20.54 16.98 10.10
N ALA B 18 -21.40 17.78 9.42
CA ALA B 18 -22.46 17.22 8.57
C ALA B 18 -21.96 16.94 7.14
N CYS B 19 -20.84 17.61 6.72
CA CYS B 19 -20.22 17.33 5.42
C CYS B 19 -19.53 15.98 5.55
N ILE B 20 -19.66 15.14 4.50
CA ILE B 20 -19.02 13.84 4.53
C ILE B 20 -17.49 13.94 4.57
N ARG B 21 -16.92 15.03 4.01
CA ARG B 21 -15.48 15.22 4.03
C ARG B 21 -14.96 16.06 5.22
N ARG B 22 -15.87 16.56 6.08
CA ARG B 22 -15.52 17.38 7.23
C ARG B 22 -14.55 18.52 6.90
N PRO B 23 -14.89 19.37 5.92
CA PRO B 23 -13.96 20.40 5.50
C PRO B 23 -13.78 21.50 6.54
N PHE B 24 -12.56 22.03 6.63
CA PHE B 24 -12.29 23.16 7.52
C PHE B 24 -13.00 24.38 6.96
N LEU B 25 -13.76 25.06 7.83
CA LEU B 25 -14.49 26.26 7.50
C LEU B 25 -14.18 27.27 8.61
N CYS B 26 -13.75 28.50 8.29
CA CYS B 26 -13.44 29.50 9.33
C CYS B 26 -14.71 29.95 10.03
N CYS B 27 -14.62 30.80 11.08
CA CYS B 27 -15.82 31.29 11.77
C CYS B 27 -16.82 31.91 10.82
N LYS B 28 -16.32 32.66 9.84
CA LYS B 28 -17.19 33.32 8.89
C LYS B 28 -17.88 32.30 7.96
N CYS B 29 -17.11 31.46 7.26
CA CYS B 29 -17.70 30.54 6.28
C CYS B 29 -18.48 29.39 6.90
N CYS B 30 -18.11 28.99 8.11
CA CYS B 30 -18.83 27.97 8.86
C CYS B 30 -20.23 28.49 9.15
N TYR B 31 -20.33 29.79 9.58
CA TYR B 31 -21.60 30.42 9.87
C TYR B 31 -22.46 30.48 8.63
N ASP B 32 -21.93 31.04 7.52
CA ASP B 32 -22.72 31.14 6.29
C ASP B 32 -23.20 29.79 5.79
N HIS B 33 -22.44 28.70 6.04
CA HIS B 33 -22.79 27.33 5.63
C HIS B 33 -23.89 26.76 6.53
N VAL B 34 -23.72 26.86 7.89
CA VAL B 34 -24.70 26.32 8.84
C VAL B 34 -26.04 27.05 8.74
N ILE B 35 -26.05 28.38 8.52
CA ILE B 35 -27.33 29.11 8.42
C ILE B 35 -28.07 28.87 7.12
N SER B 36 -27.33 28.57 6.04
CA SER B 36 -27.98 28.42 4.74
C SER B 36 -28.30 26.98 4.34
N THR B 37 -27.82 25.97 5.11
CA THR B 37 -28.08 24.55 4.81
C THR B 37 -28.67 23.82 6.05
N SER B 38 -29.01 22.52 5.90
CA SER B 38 -29.42 21.64 7.00
C SER B 38 -28.16 21.21 7.83
N HIS B 39 -26.94 21.60 7.41
CA HIS B 39 -25.72 21.20 8.10
C HIS B 39 -25.54 22.03 9.35
N LYS B 40 -25.72 21.45 10.55
CA LYS B 40 -25.60 22.20 11.80
C LYS B 40 -24.58 21.60 12.77
N LEU B 41 -23.96 20.44 12.46
CA LEU B 41 -22.97 19.88 13.37
C LEU B 41 -21.63 20.52 13.08
N VAL B 42 -21.02 21.15 14.09
CA VAL B 42 -19.72 21.79 13.95
C VAL B 42 -18.70 21.04 14.80
N LEU B 43 -17.50 20.77 14.27
CA LEU B 43 -16.44 20.05 14.97
C LEU B 43 -15.25 20.98 15.19
N SER B 44 -14.64 20.91 16.38
CA SER B 44 -13.46 21.71 16.70
C SER B 44 -12.42 20.74 17.28
N VAL B 45 -11.79 21.04 18.46
CA VAL B 45 -10.96 20.09 19.19
C VAL B 45 -11.96 18.98 19.67
N ASN B 46 -13.11 19.44 20.21
CA ASN B 46 -14.25 18.65 20.63
C ASN B 46 -15.42 18.98 19.68
N PRO B 47 -16.43 18.08 19.58
CA PRO B 47 -17.61 18.40 18.78
C PRO B 47 -18.50 19.39 19.55
N TYR B 48 -19.14 20.29 18.81
CA TYR B 48 -20.03 21.26 19.42
C TYR B 48 -21.32 20.54 19.62
N VAL B 49 -21.40 19.89 20.77
CA VAL B 49 -22.54 19.10 21.21
C VAL B 49 -22.77 19.41 22.69
N CYS B 50 -24.01 19.22 23.19
CA CYS B 50 -24.25 19.49 24.59
C CYS B 50 -23.56 18.49 25.50
N ASN B 51 -22.67 19.01 26.32
CA ASN B 51 -21.87 18.28 27.29
C ASN B 51 -22.69 17.74 28.46
N ALA B 52 -23.90 18.28 28.69
CA ALA B 52 -24.76 17.82 29.78
C ALA B 52 -25.16 16.36 29.53
N PRO B 53 -25.07 15.50 30.56
CA PRO B 53 -25.39 14.07 30.35
C PRO B 53 -26.77 13.79 29.74
N GLY B 54 -26.82 12.89 28.76
CA GLY B 54 -28.06 12.50 28.11
C GLY B 54 -28.69 13.50 27.15
N CYS B 55 -28.08 14.68 27.00
CA CYS B 55 -28.62 15.68 26.09
C CYS B 55 -28.18 15.44 24.65
N ASP B 56 -29.13 15.53 23.72
CA ASP B 56 -28.86 15.29 22.31
C ASP B 56 -28.82 16.54 21.42
N VAL B 57 -28.56 17.73 22.03
CA VAL B 57 -28.48 18.95 21.22
C VAL B 57 -27.12 19.03 20.52
N THR B 58 -27.13 18.88 19.17
CA THR B 58 -25.97 18.90 18.28
C THR B 58 -25.96 20.15 17.35
N ASP B 59 -27.12 20.81 17.18
CA ASP B 59 -27.24 22.00 16.33
C ASP B 59 -26.47 23.16 16.96
N VAL B 60 -25.44 23.66 16.24
CA VAL B 60 -24.57 24.76 16.64
C VAL B 60 -25.32 26.07 16.92
N THR B 61 -26.42 26.33 16.20
CA THR B 61 -27.21 27.56 16.37
C THR B 61 -27.98 27.57 17.73
N GLN B 62 -28.15 26.38 18.35
CA GLN B 62 -28.82 26.15 19.64
C GLN B 62 -27.81 25.82 20.78
N LEU B 63 -26.51 26.10 20.58
CA LEU B 63 -25.48 25.80 21.58
C LEU B 63 -24.68 27.05 22.02
N TYR B 64 -24.08 26.98 23.24
CA TYR B 64 -23.35 28.05 23.93
C TYR B 64 -22.09 27.50 24.62
N LEU B 65 -21.05 28.33 24.75
CA LEU B 65 -19.83 27.97 25.47
C LEU B 65 -19.99 28.34 26.95
N GLY B 66 -20.11 27.33 27.81
CA GLY B 66 -20.22 27.48 29.25
C GLY B 66 -18.90 27.18 29.94
N GLY B 67 -18.01 28.17 29.89
CA GLY B 67 -16.66 28.06 30.43
C GLY B 67 -15.72 27.52 29.38
N MET B 68 -15.45 26.22 29.44
CA MET B 68 -14.62 25.51 28.47
C MET B 68 -15.42 24.40 27.73
N SER B 69 -16.67 24.15 28.16
CA SER B 69 -17.55 23.12 27.61
C SER B 69 -18.73 23.74 26.78
N TYR B 70 -19.51 22.89 26.09
CA TYR B 70 -20.60 23.35 25.24
C TYR B 70 -21.91 22.86 25.80
N TYR B 71 -22.91 23.74 25.87
CA TYR B 71 -24.22 23.36 26.39
C TYR B 71 -25.32 23.99 25.54
N CYS B 72 -26.50 23.37 25.53
CA CYS B 72 -27.64 23.96 24.82
C CYS B 72 -28.30 25.06 25.72
N LYS B 73 -29.42 25.65 25.25
CA LYS B 73 -30.17 26.66 25.99
C LYS B 73 -30.65 26.11 27.36
N SER B 74 -31.08 24.82 27.41
CA SER B 74 -31.61 24.11 28.58
C SER B 74 -30.58 23.72 29.63
N HIS B 75 -29.30 23.68 29.26
CA HIS B 75 -28.26 23.24 30.18
C HIS B 75 -27.11 24.21 30.40
N LYS B 76 -27.12 25.35 29.71
CA LYS B 76 -26.04 26.32 29.84
C LYS B 76 -25.97 26.97 31.23
N PRO B 77 -24.75 27.28 31.71
CA PRO B 77 -24.64 28.03 32.99
C PRO B 77 -24.99 29.52 32.78
N PRO B 78 -25.25 30.31 33.86
CA PRO B 78 -25.58 31.74 33.65
C PRO B 78 -24.54 32.51 32.83
N ILE B 79 -23.24 32.21 33.06
CA ILE B 79 -22.18 32.88 32.30
C ILE B 79 -21.76 32.02 31.10
N SER B 80 -22.28 32.38 29.90
CA SER B 80 -22.00 31.67 28.66
C SER B 80 -22.27 32.55 27.44
N PHE B 81 -21.62 32.27 26.29
CA PHE B 81 -21.92 33.02 25.07
C PHE B 81 -22.26 32.08 23.91
N PRO B 82 -23.22 32.46 23.05
CA PRO B 82 -23.63 31.54 21.98
C PRO B 82 -22.47 31.19 21.05
N LEU B 83 -22.29 29.90 20.76
CA LEU B 83 -21.21 29.45 19.85
C LEU B 83 -21.39 30.09 18.47
N CYS B 84 -22.62 30.14 18.01
CA CYS B 84 -22.95 30.61 16.70
C CYS B 84 -23.85 31.90 16.72
N ALA B 85 -23.24 33.07 16.57
CA ALA B 85 -23.90 34.39 16.61
C ALA B 85 -22.98 35.45 16.01
N ASN B 86 -23.54 36.61 15.58
CA ASN B 86 -22.74 37.72 15.04
C ASN B 86 -22.07 37.39 13.72
N GLY B 87 -22.68 36.53 12.92
CA GLY B 87 -22.12 36.16 11.61
C GLY B 87 -20.94 35.19 11.65
N GLN B 88 -20.68 34.61 12.81
CA GLN B 88 -19.58 33.71 13.00
C GLN B 88 -19.93 32.50 13.86
N VAL B 89 -19.08 31.47 13.83
CA VAL B 89 -19.15 30.32 14.72
C VAL B 89 -17.87 30.40 15.59
N PHE B 90 -18.02 30.23 16.90
CA PHE B 90 -16.94 30.39 17.85
C PHE B 90 -15.83 29.35 17.69
N GLY B 91 -14.60 29.82 17.62
CA GLY B 91 -13.40 28.98 17.52
C GLY B 91 -12.14 29.81 17.43
N LEU B 92 -11.00 29.14 17.30
CA LEU B 92 -9.73 29.82 17.16
C LEU B 92 -9.65 30.64 15.87
N TYR B 93 -8.76 31.64 15.86
CA TYR B 93 -8.44 32.51 14.72
C TYR B 93 -9.64 33.36 14.26
N LYS B 94 -10.46 33.82 15.24
CA LYS B 94 -11.63 34.67 15.01
C LYS B 94 -11.28 36.05 14.42
N ASN B 95 -10.03 36.50 14.59
CA ASN B 95 -9.52 37.77 14.05
C ASN B 95 -9.04 37.64 12.59
N THR B 96 -8.50 36.45 12.21
CA THR B 96 -8.05 36.19 10.84
C THR B 96 -9.17 35.49 10.03
N CYS B 97 -10.12 36.29 9.53
CA CYS B 97 -11.30 35.85 8.80
C CYS B 97 -11.52 36.79 7.62
N VAL B 98 -11.93 36.25 6.47
CA VAL B 98 -12.19 37.09 5.29
C VAL B 98 -13.61 36.88 4.75
N GLY B 99 -14.02 35.62 4.64
CA GLY B 99 -15.34 35.24 4.14
C GLY B 99 -15.39 35.11 2.63
N SER B 100 -16.57 34.82 2.10
CA SER B 100 -16.78 34.69 0.65
C SER B 100 -18.09 35.35 0.29
N ASP B 101 -18.09 36.16 -0.78
CA ASP B 101 -19.26 36.93 -1.25
C ASP B 101 -20.49 36.07 -1.59
N ASN B 102 -20.27 34.76 -1.90
CA ASN B 102 -21.33 33.78 -2.20
C ASN B 102 -20.92 32.32 -1.93
N VAL B 103 -21.15 31.84 -0.70
CA VAL B 103 -20.90 30.46 -0.24
C VAL B 103 -21.86 29.42 -0.91
N THR B 104 -22.58 29.85 -1.97
CA THR B 104 -23.65 29.18 -2.71
C THR B 104 -23.17 27.94 -3.47
N ASP B 105 -22.00 27.97 -4.12
CA ASP B 105 -21.48 26.80 -4.85
C ASP B 105 -20.96 25.73 -3.86
N PHE B 106 -20.31 26.16 -2.75
CA PHE B 106 -19.85 25.26 -1.68
C PHE B 106 -21.06 24.49 -1.09
N ASN B 107 -22.16 25.19 -0.81
CA ASN B 107 -23.36 24.61 -0.21
C ASN B 107 -23.96 23.54 -1.11
N ALA B 108 -24.06 23.80 -2.43
CA ALA B 108 -24.61 22.85 -3.41
C ALA B 108 -23.75 21.60 -3.52
N ILE B 109 -22.42 21.76 -3.54
CA ILE B 109 -21.50 20.63 -3.61
C ILE B 109 -21.62 19.79 -2.32
N ALA B 110 -21.65 20.46 -1.17
CA ALA B 110 -21.71 19.81 0.15
C ALA B 110 -23.03 19.05 0.42
N THR B 111 -24.15 19.47 -0.19
CA THR B 111 -25.46 18.88 0.10
C THR B 111 -26.09 18.05 -1.04
N CYS B 112 -25.55 18.15 -2.28
CA CYS B 112 -26.07 17.39 -3.43
C CYS B 112 -25.83 15.87 -3.26
N ASP B 113 -26.64 15.06 -3.93
CA ASP B 113 -26.49 13.60 -3.85
C ASP B 113 -25.76 12.96 -5.05
N TRP B 114 -25.27 13.81 -6.00
CA TRP B 114 -24.49 13.39 -7.18
C TRP B 114 -25.27 12.50 -8.15
N THR B 115 -26.61 12.56 -8.15
CA THR B 115 -27.42 11.76 -9.07
C THR B 115 -27.81 12.57 -10.32
N ASN B 116 -27.61 13.90 -10.33
CA ASN B 116 -27.95 14.79 -11.44
C ASN B 116 -26.71 15.25 -12.17
N ALA B 117 -26.79 15.41 -13.49
CA ALA B 117 -25.68 15.87 -14.32
C ALA B 117 -25.21 17.29 -13.89
N GLY B 118 -26.16 18.13 -13.46
CA GLY B 118 -25.89 19.48 -12.98
C GLY B 118 -24.91 19.53 -11.81
N ASP B 119 -24.88 18.45 -11.00
CA ASP B 119 -23.95 18.33 -9.87
C ASP B 119 -22.49 18.23 -10.36
N TYR B 120 -22.30 17.51 -11.47
CA TYR B 120 -21.02 17.29 -12.12
C TYR B 120 -20.59 18.53 -12.92
N ILE B 121 -21.56 19.26 -13.48
CA ILE B 121 -21.28 20.49 -14.20
C ILE B 121 -20.72 21.52 -13.22
N LEU B 122 -21.38 21.67 -12.03
CA LEU B 122 -20.92 22.56 -10.98
C LEU B 122 -19.52 22.18 -10.51
N ALA B 123 -19.27 20.88 -10.26
CA ALA B 123 -17.95 20.37 -9.82
C ALA B 123 -16.78 20.67 -10.79
N ASN B 124 -17.11 20.94 -12.04
CA ASN B 124 -16.08 21.23 -13.02
C ASN B 124 -16.06 22.70 -13.43
N THR B 125 -17.07 23.52 -13.04
CA THR B 125 -17.10 24.94 -13.37
C THR B 125 -16.83 25.87 -12.14
N CYS B 126 -16.76 25.31 -10.93
CA CYS B 126 -16.49 26.06 -9.70
C CYS B 126 -14.99 26.46 -9.63
N THR B 127 -14.60 27.20 -8.58
CA THR B 127 -13.19 27.55 -8.37
C THR B 127 -12.35 26.30 -8.18
N GLU B 128 -11.03 26.42 -8.37
CA GLU B 128 -10.11 25.29 -8.27
C GLU B 128 -10.22 24.59 -6.92
N ARG B 129 -10.28 25.37 -5.83
CA ARG B 129 -10.39 24.77 -4.50
C ARG B 129 -11.69 23.98 -4.30
N LEU B 130 -12.78 24.49 -4.89
CA LEU B 130 -14.05 23.82 -4.83
C LEU B 130 -14.11 22.60 -5.78
N LYS B 131 -13.28 22.56 -6.82
CA LYS B 131 -13.14 21.39 -7.70
C LYS B 131 -12.57 20.25 -6.86
N LEU B 132 -11.59 20.51 -5.97
CA LEU B 132 -11.02 19.48 -5.12
C LEU B 132 -12.00 18.99 -4.06
N PHE B 133 -12.75 19.91 -3.46
CA PHE B 133 -13.77 19.56 -2.46
C PHE B 133 -14.83 18.70 -3.11
N ALA B 134 -15.29 19.11 -4.31
CA ALA B 134 -16.30 18.37 -5.07
C ALA B 134 -15.80 16.99 -5.46
N ALA B 135 -14.54 16.86 -5.94
CA ALA B 135 -13.95 15.57 -6.30
C ALA B 135 -13.84 14.62 -5.11
N GLU B 136 -13.34 15.12 -3.96
CA GLU B 136 -13.27 14.32 -2.75
C GLU B 136 -14.67 13.89 -2.27
N THR B 137 -15.65 14.83 -2.27
CA THR B 137 -17.01 14.60 -1.75
C THR B 137 -17.70 13.54 -2.60
N LEU B 138 -17.60 13.69 -3.93
CA LEU B 138 -18.15 12.77 -4.89
C LEU B 138 -17.53 11.38 -4.71
N LYS B 139 -16.19 11.27 -4.64
CA LYS B 139 -15.54 9.96 -4.48
C LYS B 139 -15.92 9.30 -3.18
N ALA B 140 -16.01 10.08 -2.10
CA ALA B 140 -16.40 9.51 -0.81
C ALA B 140 -17.85 9.05 -0.88
N THR B 141 -18.74 9.82 -1.56
CA THR B 141 -20.16 9.44 -1.69
C THR B 141 -20.28 8.16 -2.49
N GLU B 142 -19.50 8.03 -3.56
CA GLU B 142 -19.47 6.83 -4.40
C GLU B 142 -19.02 5.61 -3.62
N GLU B 143 -17.94 5.72 -2.80
CA GLU B 143 -17.39 4.62 -2.00
C GLU B 143 -18.37 4.15 -0.91
N THR B 144 -19.08 5.11 -0.29
CA THR B 144 -20.07 4.86 0.78
C THR B 144 -21.31 4.18 0.20
N PHE B 145 -21.72 4.62 -0.99
CA PHE B 145 -22.82 4.03 -1.72
C PHE B 145 -22.57 2.55 -2.01
N LYS B 146 -21.31 2.12 -2.17
CA LYS B 146 -21.02 0.71 -2.38
C LYS B 146 -21.34 -0.15 -1.15
N LEU B 147 -21.34 0.46 0.06
CA LEU B 147 -21.72 -0.20 1.34
C LEU B 147 -23.23 -0.38 1.45
N SER B 148 -24.03 0.35 0.66
CA SER B 148 -25.50 0.24 0.64
C SER B 148 -25.96 -1.09 0.06
N TYR B 149 -25.15 -1.73 -0.78
CA TYR B 149 -25.51 -2.98 -1.42
C TYR B 149 -25.42 -4.19 -0.48
N GLY B 150 -26.33 -5.12 -0.69
CA GLY B 150 -26.36 -6.34 0.10
C GLY B 150 -25.25 -7.30 -0.27
N ILE B 151 -24.83 -8.11 0.71
CA ILE B 151 -23.81 -9.15 0.56
C ILE B 151 -24.41 -10.32 -0.24
N ALA B 152 -23.65 -10.88 -1.19
CA ALA B 152 -24.07 -12.06 -1.95
C ALA B 152 -23.32 -13.26 -1.37
N THR B 153 -24.01 -14.36 -1.06
CA THR B 153 -23.38 -15.53 -0.48
C THR B 153 -23.64 -16.74 -1.38
N VAL B 154 -22.58 -17.57 -1.61
CA VAL B 154 -22.66 -18.81 -2.38
C VAL B 154 -23.63 -19.76 -1.65
N ARG B 155 -24.73 -20.09 -2.31
CA ARG B 155 -25.80 -20.96 -1.78
C ARG B 155 -25.60 -22.40 -2.29
N GLU B 156 -25.13 -22.54 -3.53
CA GLU B 156 -24.92 -23.82 -4.14
C GLU B 156 -23.99 -23.64 -5.29
N VAL B 157 -22.82 -24.29 -5.27
CA VAL B 157 -21.90 -24.19 -6.39
C VAL B 157 -22.45 -25.10 -7.49
N LEU B 158 -23.30 -24.54 -8.38
CA LEU B 158 -23.98 -25.27 -9.45
C LEU B 158 -23.02 -26.11 -10.31
N SER B 159 -21.94 -25.48 -10.74
CA SER B 159 -20.90 -26.09 -11.55
C SER B 159 -19.67 -25.17 -11.48
N ASP B 160 -18.67 -25.41 -12.35
CA ASP B 160 -17.52 -24.53 -12.44
C ASP B 160 -17.96 -23.28 -13.25
N ARG B 161 -17.40 -22.10 -12.92
CA ARG B 161 -17.72 -20.82 -13.56
C ARG B 161 -19.17 -20.34 -13.34
N GLU B 162 -20.02 -21.12 -12.65
CA GLU B 162 -21.41 -20.74 -12.40
C GLU B 162 -21.86 -21.03 -10.95
N LEU B 163 -22.56 -20.07 -10.31
CA LEU B 163 -23.02 -20.12 -8.91
C LEU B 163 -24.50 -19.79 -8.68
N HIS B 164 -25.04 -20.25 -7.56
CA HIS B 164 -26.39 -19.90 -7.12
C HIS B 164 -26.17 -18.93 -5.97
N LEU B 165 -26.62 -17.67 -6.08
CA LEU B 165 -26.38 -16.71 -5.00
C LEU B 165 -27.57 -16.42 -4.10
N SER B 166 -27.29 -16.15 -2.83
CA SER B 166 -28.24 -15.79 -1.79
C SER B 166 -27.92 -14.34 -1.37
N TRP B 167 -28.86 -13.41 -1.57
CA TRP B 167 -28.62 -11.99 -1.30
C TRP B 167 -29.10 -11.52 0.06
N GLU B 168 -28.43 -10.50 0.62
CA GLU B 168 -28.78 -9.92 1.91
C GLU B 168 -30.14 -9.22 1.83
N VAL B 169 -31.06 -9.52 2.77
CA VAL B 169 -32.38 -8.93 2.81
C VAL B 169 -32.32 -7.48 3.33
N GLY B 170 -33.20 -6.63 2.80
CA GLY B 170 -33.26 -5.24 3.22
C GLY B 170 -32.30 -4.29 2.52
N LYS B 171 -31.32 -4.85 1.79
CA LYS B 171 -30.36 -4.05 1.07
C LYS B 171 -30.44 -4.38 -0.44
N PRO B 172 -30.39 -3.35 -1.31
CA PRO B 172 -30.47 -3.59 -2.76
C PRO B 172 -29.31 -4.41 -3.33
N ARG B 173 -29.51 -4.97 -4.51
CA ARG B 173 -28.48 -5.76 -5.16
C ARG B 173 -27.82 -4.91 -6.24
N PRO B 174 -26.48 -4.93 -6.30
CA PRO B 174 -25.79 -4.18 -7.35
C PRO B 174 -25.97 -4.77 -8.73
N PRO B 175 -25.84 -3.95 -9.79
CA PRO B 175 -25.94 -4.48 -11.15
C PRO B 175 -24.88 -5.55 -11.39
N LEU B 176 -25.26 -6.63 -12.10
CA LEU B 176 -24.32 -7.70 -12.37
C LEU B 176 -23.69 -7.59 -13.77
N ASN B 177 -22.70 -6.69 -13.90
CA ASN B 177 -21.94 -6.47 -15.13
C ASN B 177 -20.42 -6.30 -14.86
N ARG B 178 -19.61 -5.94 -15.87
CA ARG B 178 -18.16 -5.79 -15.75
C ARG B 178 -17.72 -4.67 -14.81
N ASN B 179 -18.49 -3.57 -14.75
CA ASN B 179 -18.17 -2.41 -13.90
C ASN B 179 -18.19 -2.73 -12.41
N TYR B 180 -18.96 -3.74 -12.01
CA TYR B 180 -19.07 -4.06 -10.60
C TYR B 180 -18.13 -5.22 -10.20
N VAL B 181 -16.97 -4.87 -9.56
CA VAL B 181 -15.98 -5.84 -9.12
C VAL B 181 -16.10 -6.15 -7.62
N PHE B 182 -16.39 -7.39 -7.30
CA PHE B 182 -16.58 -7.91 -5.94
C PHE B 182 -15.30 -8.48 -5.39
N THR B 183 -15.26 -8.69 -4.09
CA THR B 183 -14.14 -9.32 -3.43
C THR B 183 -14.71 -10.52 -2.71
N GLY B 184 -14.13 -11.66 -2.97
CA GLY B 184 -14.55 -12.90 -2.35
C GLY B 184 -13.94 -13.06 -0.97
N TYR B 185 -14.63 -13.77 -0.07
CA TYR B 185 -14.18 -14.00 1.30
C TYR B 185 -14.56 -15.40 1.79
N ARG B 186 -13.71 -16.02 2.65
CA ARG B 186 -13.99 -17.35 3.25
C ARG B 186 -14.13 -17.22 4.79
N VAL B 187 -15.21 -17.78 5.37
CA VAL B 187 -15.48 -17.64 6.80
C VAL B 187 -14.49 -18.40 7.67
N THR B 188 -13.47 -17.71 8.21
CA THR B 188 -12.48 -18.38 9.08
C THR B 188 -13.04 -18.53 10.53
N LYS B 189 -12.26 -19.12 11.47
CA LYS B 189 -12.69 -19.32 12.85
C LYS B 189 -13.31 -18.07 13.50
N ASN B 190 -12.54 -16.96 13.58
CA ASN B 190 -13.03 -15.71 14.18
C ASN B 190 -12.95 -14.49 13.24
N SER B 191 -12.73 -14.72 11.93
CA SER B 191 -12.65 -13.62 10.95
C SER B 191 -13.00 -14.11 9.50
N LYS B 192 -12.47 -13.46 8.45
CA LYS B 192 -12.70 -13.81 7.06
C LYS B 192 -11.41 -13.57 6.24
N VAL B 193 -11.18 -14.40 5.19
CA VAL B 193 -9.97 -14.24 4.38
C VAL B 193 -10.29 -13.88 2.90
N GLN B 194 -9.65 -12.78 2.35
CA GLN B 194 -9.79 -12.33 0.96
C GLN B 194 -9.42 -13.50 0.03
N ILE B 195 -10.35 -13.90 -0.84
CA ILE B 195 -10.19 -15.03 -1.75
C ILE B 195 -10.15 -14.55 -3.24
N GLY B 196 -9.77 -13.29 -3.46
CA GLY B 196 -9.63 -12.72 -4.80
C GLY B 196 -10.76 -11.82 -5.23
N GLU B 197 -10.59 -11.13 -6.37
CA GLU B 197 -11.62 -10.24 -6.94
C GLU B 197 -12.48 -11.01 -7.96
N TYR B 198 -13.76 -10.61 -8.12
CA TYR B 198 -14.72 -11.31 -8.98
C TYR B 198 -15.74 -10.40 -9.63
N THR B 199 -16.13 -10.69 -10.87
CA THR B 199 -17.27 -10.01 -11.50
C THR B 199 -18.36 -11.05 -11.74
N PHE B 200 -19.60 -10.60 -11.94
CA PHE B 200 -20.70 -11.53 -12.16
C PHE B 200 -21.57 -11.15 -13.37
N GLU B 201 -22.31 -12.13 -13.89
CA GLU B 201 -23.24 -11.92 -15.00
C GLU B 201 -24.36 -12.98 -14.92
N LYS B 202 -25.64 -12.61 -15.19
CA LYS B 202 -26.81 -13.50 -15.12
C LYS B 202 -26.64 -14.77 -15.98
N GLY B 203 -27.23 -15.90 -15.54
CA GLY B 203 -27.10 -17.15 -16.28
C GLY B 203 -28.37 -17.67 -16.93
N ALA B 208 -29.10 -17.62 -9.98
CA ALA B 208 -28.23 -18.35 -10.92
C ALA B 208 -27.35 -17.39 -11.73
N VAL B 209 -26.06 -17.31 -11.38
CA VAL B 209 -25.07 -16.40 -11.97
C VAL B 209 -23.84 -17.13 -12.55
N VAL B 210 -23.02 -16.41 -13.35
CA VAL B 210 -21.78 -16.81 -14.02
C VAL B 210 -20.65 -15.90 -13.48
N TYR B 211 -19.50 -16.46 -13.03
CA TYR B 211 -18.44 -15.62 -12.48
C TYR B 211 -17.16 -15.55 -13.28
N ARG B 212 -16.60 -14.34 -13.43
CA ARG B 212 -15.33 -14.10 -14.11
C ARG B 212 -14.33 -13.63 -13.05
N GLY B 213 -13.70 -14.57 -12.36
CA GLY B 213 -12.80 -14.26 -11.26
C GLY B 213 -11.37 -13.90 -11.61
N THR B 214 -10.80 -12.96 -10.83
CA THR B 214 -9.41 -12.49 -10.90
C THR B 214 -8.41 -13.52 -10.35
N THR B 215 -8.86 -14.77 -10.12
CA THR B 215 -8.08 -15.91 -9.62
C THR B 215 -8.91 -17.20 -9.70
N THR B 216 -8.21 -18.34 -9.71
CA THR B 216 -8.86 -19.65 -9.73
C THR B 216 -8.94 -20.23 -8.31
N TYR B 217 -10.15 -20.39 -7.80
CA TYR B 217 -10.37 -20.93 -6.46
C TYR B 217 -11.51 -21.91 -6.46
N LYS B 218 -11.41 -22.95 -5.62
CA LYS B 218 -12.48 -23.94 -5.50
C LYS B 218 -13.50 -23.38 -4.51
N LEU B 219 -14.19 -22.29 -4.91
CA LEU B 219 -15.18 -21.65 -4.05
C LEU B 219 -16.30 -22.61 -3.70
N ASN B 220 -16.63 -22.61 -2.44
CA ASN B 220 -17.62 -23.49 -1.88
C ASN B 220 -18.76 -22.70 -1.24
N VAL B 221 -19.87 -23.37 -0.91
CA VAL B 221 -21.04 -22.77 -0.28
C VAL B 221 -20.66 -21.99 1.00
N GLY B 222 -21.16 -20.76 1.13
CA GLY B 222 -20.87 -19.95 2.30
C GLY B 222 -19.88 -18.83 2.05
N ASP B 223 -19.14 -18.91 0.96
CA ASP B 223 -18.21 -17.84 0.57
C ASP B 223 -19.05 -16.63 0.15
N TYR B 224 -18.62 -15.43 0.52
CA TYR B 224 -19.42 -14.24 0.23
C TYR B 224 -18.66 -13.18 -0.57
N PHE B 225 -19.39 -12.31 -1.25
CA PHE B 225 -18.85 -11.29 -2.12
C PHE B 225 -19.34 -9.92 -1.76
N VAL B 226 -18.45 -8.95 -1.70
CA VAL B 226 -18.81 -7.57 -1.38
C VAL B 226 -18.01 -6.65 -2.31
N LEU B 227 -18.61 -5.53 -2.77
CA LEU B 227 -17.88 -4.57 -3.59
C LEU B 227 -16.82 -3.86 -2.73
N THR B 228 -15.50 -3.96 -3.09
CA THR B 228 -14.47 -3.31 -2.26
C THR B 228 -14.55 -1.81 -2.37
N SER B 229 -14.66 -1.18 -1.21
CA SER B 229 -14.70 0.27 -1.13
C SER B 229 -13.46 0.73 -0.33
N HIS B 230 -12.77 1.74 -0.84
CA HIS B 230 -11.57 2.20 -0.19
C HIS B 230 -11.74 3.57 0.45
N THR B 231 -10.86 3.87 1.43
CA THR B 231 -10.84 5.15 2.13
C THR B 231 -10.37 6.20 1.12
N VAL B 232 -11.15 7.27 0.97
CA VAL B 232 -10.83 8.35 0.04
C VAL B 232 -9.93 9.36 0.77
N MET B 233 -8.69 9.53 0.29
CA MET B 233 -7.77 10.49 0.88
C MET B 233 -8.10 11.91 0.45
N PRO B 234 -7.73 12.91 1.27
CA PRO B 234 -7.98 14.30 0.87
C PRO B 234 -7.05 14.78 -0.26
N LEU B 235 -7.51 15.79 -1.00
CA LEU B 235 -6.79 16.35 -2.14
C LEU B 235 -6.12 17.65 -1.73
N SER B 236 -4.95 17.94 -2.32
CA SER B 236 -4.20 19.14 -1.97
C SER B 236 -3.77 19.90 -3.21
N ALA B 237 -3.37 19.18 -4.27
CA ALA B 237 -2.89 19.78 -5.51
C ALA B 237 -4.02 20.16 -6.45
N PRO B 238 -3.85 21.21 -7.28
CA PRO B 238 -4.90 21.54 -8.25
C PRO B 238 -5.10 20.45 -9.32
N THR B 239 -6.23 20.45 -10.04
CA THR B 239 -6.46 19.48 -11.13
C THR B 239 -5.49 19.74 -12.30
N LEU B 240 -5.13 21.03 -12.51
CA LEU B 240 -4.15 21.49 -13.49
C LEU B 240 -3.27 22.52 -12.80
N VAL B 241 -1.93 22.37 -12.91
CA VAL B 241 -1.00 23.38 -12.43
C VAL B 241 -1.21 24.65 -13.27
N PRO B 242 -0.74 25.85 -12.83
CA PRO B 242 -0.90 27.06 -13.68
C PRO B 242 -0.13 26.89 -15.00
N GLN B 243 -0.75 27.28 -16.11
CA GLN B 243 -0.13 27.15 -17.41
C GLN B 243 1.01 28.17 -17.58
N GLU B 244 2.10 27.77 -18.24
CA GLU B 244 3.23 28.65 -18.59
C GLU B 244 3.59 28.37 -20.06
N HIS B 245 3.81 29.42 -20.83
CA HIS B 245 4.26 29.29 -22.21
C HIS B 245 5.68 29.79 -22.29
N TYR B 246 6.51 29.08 -23.02
CA TYR B 246 7.93 29.40 -23.14
C TYR B 246 8.28 29.78 -24.55
N VAL B 247 9.33 30.58 -24.67
CA VAL B 247 9.82 31.05 -25.97
C VAL B 247 10.78 30.00 -26.62
N ARG B 248 11.36 29.10 -25.81
CA ARG B 248 12.25 28.03 -26.26
C ARG B 248 11.82 26.71 -25.58
N ILE B 249 12.30 25.56 -26.08
CA ILE B 249 12.07 24.26 -25.43
C ILE B 249 12.81 24.32 -24.10
N THR B 250 12.09 24.04 -23.01
CA THR B 250 12.62 24.22 -21.68
C THR B 250 12.88 22.91 -20.94
N GLY B 251 14.10 22.73 -20.44
CA GLY B 251 14.48 21.57 -19.64
C GLY B 251 14.54 20.23 -20.36
N LEU B 252 14.39 20.28 -21.69
CA LEU B 252 14.41 19.10 -22.54
C LEU B 252 15.41 19.33 -23.65
N TYR B 253 16.09 18.26 -24.08
CA TYR B 253 17.13 18.38 -25.09
C TYR B 253 16.83 17.43 -26.26
N PRO B 254 16.35 18.01 -27.38
CA PRO B 254 15.94 17.18 -28.51
C PRO B 254 17.04 16.42 -29.23
N THR B 255 16.65 15.29 -29.79
CA THR B 255 17.58 14.44 -30.49
C THR B 255 18.00 15.09 -31.80
N LEU B 256 19.19 14.71 -32.30
CA LEU B 256 19.62 15.19 -33.60
C LEU B 256 19.11 14.27 -34.74
N ASN B 257 18.92 12.97 -34.43
CA ASN B 257 18.46 12.00 -35.38
C ASN B 257 17.21 11.38 -34.90
N ILE B 258 16.15 11.47 -35.67
CA ILE B 258 14.90 10.79 -35.31
C ILE B 258 14.55 9.82 -36.42
N SER B 259 13.82 8.78 -36.07
CA SER B 259 13.35 7.81 -37.04
C SER B 259 12.18 8.44 -37.86
N ASP B 260 12.05 8.11 -39.18
CA ASP B 260 10.90 8.57 -39.98
C ASP B 260 9.55 8.02 -39.42
N GLU B 261 9.60 7.04 -38.50
CA GLU B 261 8.41 6.54 -37.82
C GLU B 261 7.86 7.61 -36.86
N PHE B 262 8.69 8.54 -36.36
CA PHE B 262 8.24 9.60 -35.42
C PHE B 262 8.34 11.01 -35.95
N SER B 263 8.77 11.18 -37.20
CA SER B 263 8.92 12.50 -37.82
C SER B 263 7.61 13.29 -37.85
N SER B 264 6.50 12.62 -38.07
CA SER B 264 5.19 13.28 -38.10
C SER B 264 4.88 14.01 -36.77
N ASN B 265 5.46 13.59 -35.66
CA ASN B 265 5.18 14.23 -34.36
C ASN B 265 6.24 15.24 -33.90
N VAL B 266 7.28 15.51 -34.71
CA VAL B 266 8.33 16.43 -34.29
C VAL B 266 7.82 17.82 -33.87
N ALA B 267 6.92 18.47 -34.68
CA ALA B 267 6.41 19.79 -34.30
C ALA B 267 5.67 19.73 -32.96
N ASN B 268 4.82 18.69 -32.78
CA ASN B 268 4.08 18.45 -31.54
C ASN B 268 5.02 18.23 -30.35
N TYR B 269 6.12 17.49 -30.53
CA TYR B 269 7.10 17.23 -29.48
C TYR B 269 7.77 18.53 -29.07
N GLN B 270 8.02 19.44 -30.04
CA GLN B 270 8.60 20.75 -29.73
C GLN B 270 7.60 21.59 -28.96
N LYS B 271 6.31 21.52 -29.33
CA LYS B 271 5.22 22.22 -28.63
C LYS B 271 5.17 21.77 -27.17
N VAL B 272 5.34 20.45 -26.94
CA VAL B 272 5.38 19.87 -25.60
C VAL B 272 6.47 20.56 -24.73
N GLY B 273 7.65 20.77 -25.29
CA GLY B 273 8.74 21.41 -24.54
C GLY B 273 8.57 22.90 -24.33
N MET B 274 7.65 23.54 -25.05
CA MET B 274 7.45 24.99 -24.98
C MET B 274 6.23 25.47 -24.18
N GLN B 275 5.66 24.58 -23.39
CA GLN B 275 4.61 24.96 -22.45
C GLN B 275 4.59 24.00 -21.27
N LYS B 276 4.07 24.45 -20.11
CA LYS B 276 4.10 23.66 -18.88
C LYS B 276 3.25 22.39 -19.08
N TYR B 277 2.07 22.55 -19.68
CA TYR B 277 1.23 21.38 -19.93
C TYR B 277 0.62 21.50 -21.29
N SER B 278 0.41 20.35 -21.92
CA SER B 278 -0.16 20.32 -23.25
C SER B 278 -1.18 19.22 -23.35
N THR B 279 -2.19 19.46 -24.19
CA THR B 279 -3.25 18.48 -24.36
C THR B 279 -3.11 17.92 -25.80
N LEU B 280 -3.32 16.62 -25.92
CA LEU B 280 -3.25 15.95 -27.21
C LEU B 280 -4.57 15.17 -27.41
N GLN B 281 -5.38 15.61 -28.38
CA GLN B 281 -6.56 14.86 -28.74
C GLN B 281 -6.18 13.86 -29.85
N GLY B 282 -6.31 12.59 -29.53
CA GLY B 282 -6.03 11.53 -30.46
C GLY B 282 -7.25 10.68 -30.73
N PRO B 283 -7.94 10.94 -31.84
CA PRO B 283 -9.09 10.09 -32.20
C PRO B 283 -8.70 8.60 -32.36
N PRO B 284 -9.67 7.69 -32.47
CA PRO B 284 -9.31 6.26 -32.62
C PRO B 284 -8.33 5.95 -33.74
N GLY B 285 -7.31 5.17 -33.43
CA GLY B 285 -6.33 4.66 -34.41
C GLY B 285 -5.45 5.73 -35.04
N THR B 286 -5.26 6.87 -34.34
CA THR B 286 -4.44 7.99 -34.84
C THR B 286 -3.00 7.97 -34.31
N GLY B 287 -2.67 7.08 -33.35
CA GLY B 287 -1.30 6.92 -32.85
C GLY B 287 -0.96 7.53 -31.51
N LYS B 288 -1.88 7.44 -30.55
CA LYS B 288 -1.63 8.00 -29.21
C LYS B 288 -0.43 7.34 -28.49
N SER B 289 -0.35 5.98 -28.44
CA SER B 289 0.79 5.30 -27.80
C SER B 289 2.09 5.58 -28.51
N HIS B 290 2.02 5.60 -29.85
CA HIS B 290 3.13 5.87 -30.72
C HIS B 290 3.67 7.30 -30.40
N PHE B 291 2.76 8.27 -30.23
CA PHE B 291 3.14 9.63 -29.88
C PHE B 291 3.84 9.63 -28.52
N ALA B 292 3.20 8.98 -27.53
CA ALA B 292 3.70 8.92 -26.18
C ALA B 292 5.11 8.34 -26.09
N ILE B 293 5.37 7.20 -26.76
CA ILE B 293 6.69 6.58 -26.70
C ILE B 293 7.74 7.36 -27.54
N GLY B 294 7.28 7.94 -28.65
CA GLY B 294 8.16 8.76 -29.51
C GLY B 294 8.69 10.00 -28.81
N LEU B 295 7.97 10.48 -27.79
CA LEU B 295 8.38 11.64 -27.00
C LEU B 295 9.70 11.30 -26.27
N ALA B 296 9.84 10.04 -25.80
CA ALA B 296 11.04 9.55 -25.14
C ALA B 296 12.22 9.51 -26.10
N LEU B 297 11.98 9.09 -27.34
CA LEU B 297 13.01 9.05 -28.36
C LEU B 297 13.40 10.46 -28.83
N TYR B 298 12.44 11.40 -28.84
CA TYR B 298 12.74 12.77 -29.24
C TYR B 298 13.51 13.52 -28.17
N TYR B 299 13.27 13.26 -26.87
CA TYR B 299 14.03 13.87 -25.75
C TYR B 299 14.72 12.70 -25.03
N PRO B 300 15.81 12.16 -25.64
CA PRO B 300 16.38 10.89 -25.16
C PRO B 300 16.92 10.83 -23.75
N SER B 301 17.31 11.98 -23.17
CA SER B 301 17.82 11.99 -21.79
C SER B 301 16.73 12.31 -20.73
N ALA B 302 15.51 12.73 -21.18
CA ALA B 302 14.41 13.08 -20.30
C ALA B 302 13.87 11.90 -19.50
N ARG B 303 13.61 12.13 -18.21
CA ARG B 303 13.00 11.14 -17.33
C ARG B 303 11.48 11.30 -17.52
N ILE B 304 10.81 10.23 -17.97
CA ILE B 304 9.38 10.29 -18.24
C ILE B 304 8.59 9.33 -17.40
N VAL B 305 7.56 9.84 -16.73
CA VAL B 305 6.64 9.02 -15.98
C VAL B 305 5.38 8.90 -16.84
N TYR B 306 5.01 7.66 -17.24
CA TYR B 306 3.83 7.34 -18.01
C TYR B 306 2.77 6.84 -17.06
N THR B 307 1.63 7.53 -17.02
CA THR B 307 0.55 7.17 -16.12
C THR B 307 -0.78 7.17 -16.83
N ALA B 308 -1.75 6.44 -16.25
CA ALA B 308 -3.15 6.34 -16.70
C ALA B 308 -3.97 5.76 -15.52
N CYS B 309 -5.29 5.84 -15.56
CA CYS B 309 -6.13 5.33 -14.45
C CYS B 309 -6.10 3.82 -14.35
N SER B 310 -6.21 3.15 -15.49
CA SER B 310 -6.28 1.71 -15.51
C SER B 310 -4.96 1.00 -15.75
N HIS B 311 -4.85 -0.23 -15.24
CA HIS B 311 -3.71 -1.10 -15.47
C HIS B 311 -3.62 -1.42 -16.95
N ALA B 312 -4.77 -1.62 -17.65
CA ALA B 312 -4.78 -1.89 -19.08
C ALA B 312 -4.15 -0.72 -19.88
N ALA B 313 -4.50 0.55 -19.57
CA ALA B 313 -3.92 1.68 -20.29
C ALA B 313 -2.42 1.76 -20.03
N VAL B 314 -1.99 1.56 -18.77
CA VAL B 314 -0.57 1.60 -18.42
C VAL B 314 0.22 0.47 -19.17
N ASP B 315 -0.33 -0.75 -19.19
CA ASP B 315 0.26 -1.91 -19.88
C ASP B 315 0.37 -1.69 -21.38
N ALA B 316 -0.64 -1.05 -22.01
CA ALA B 316 -0.59 -0.75 -23.44
C ALA B 316 0.59 0.20 -23.73
N LEU B 317 0.87 1.18 -22.81
CA LEU B 317 2.03 2.05 -22.97
C LEU B 317 3.35 1.23 -22.80
N CYS B 318 3.39 0.28 -21.83
CA CYS B 318 4.52 -0.62 -21.60
C CYS B 318 4.81 -1.44 -22.88
N GLU B 319 3.77 -2.01 -23.51
CA GLU B 319 3.90 -2.81 -24.73
C GLU B 319 4.56 -2.01 -25.85
N LYS B 320 4.14 -0.76 -26.04
CA LYS B 320 4.69 0.14 -27.04
C LYS B 320 6.14 0.49 -26.67
N ALA B 321 6.44 0.73 -25.38
CA ALA B 321 7.80 1.05 -24.91
C ALA B 321 8.74 -0.13 -25.08
N LEU B 322 8.26 -1.35 -24.84
CA LEU B 322 9.04 -2.57 -24.99
C LEU B 322 9.62 -2.68 -26.44
N LYS B 323 8.89 -2.16 -27.44
CA LYS B 323 9.28 -2.14 -28.84
C LYS B 323 10.29 -1.00 -29.25
N TYR B 324 10.33 0.12 -28.52
CA TYR B 324 11.16 1.25 -28.92
C TYR B 324 12.19 1.74 -27.92
N LEU B 325 11.95 1.49 -26.65
CA LEU B 325 12.80 1.98 -25.58
C LEU B 325 13.62 0.87 -24.96
N PRO B 326 14.81 1.20 -24.46
CA PRO B 326 15.64 0.14 -23.84
C PRO B 326 14.96 -0.39 -22.59
N ILE B 327 14.72 -1.71 -22.55
CA ILE B 327 14.02 -2.39 -21.45
C ILE B 327 14.69 -2.16 -20.08
N ASP B 328 16.02 -1.98 -20.04
CA ASP B 328 16.73 -1.73 -18.77
C ASP B 328 16.53 -0.31 -18.23
N LYS B 329 15.94 0.60 -19.03
CA LYS B 329 15.62 1.96 -18.62
C LYS B 329 14.16 2.11 -18.18
N CYS B 330 13.39 1.02 -18.14
CA CYS B 330 11.97 0.96 -17.84
C CYS B 330 11.66 0.22 -16.52
N SER B 331 10.61 0.70 -15.84
CA SER B 331 10.10 0.06 -14.65
C SER B 331 8.58 0.16 -14.57
N ARG B 332 7.92 -0.94 -14.24
CA ARG B 332 6.48 -1.00 -14.03
C ARG B 332 6.25 -0.94 -12.52
N ILE B 333 5.54 0.11 -12.04
CA ILE B 333 5.24 0.23 -10.61
C ILE B 333 3.93 -0.51 -10.36
N ILE B 334 3.95 -1.43 -9.39
CA ILE B 334 2.83 -2.29 -9.03
C ILE B 334 2.58 -2.19 -7.55
N PRO B 335 1.35 -1.84 -7.13
CA PRO B 335 1.05 -1.80 -5.69
C PRO B 335 0.97 -3.23 -5.12
N ALA B 336 1.56 -3.47 -3.94
CA ALA B 336 1.54 -4.81 -3.33
C ALA B 336 0.11 -5.29 -3.07
N VAL B 340 -3.93 -7.89 -8.97
CA VAL B 340 -4.09 -7.62 -10.41
C VAL B 340 -2.91 -8.13 -11.27
N GLU B 341 -3.21 -8.79 -12.40
CA GLU B 341 -2.15 -9.20 -13.30
C GLU B 341 -1.90 -8.11 -14.35
N CYS B 342 -0.66 -7.63 -14.40
CA CYS B 342 -0.27 -6.62 -15.35
C CYS B 342 1.14 -6.92 -15.96
N PHE B 343 1.68 -5.97 -16.74
CA PHE B 343 2.94 -6.04 -17.45
C PHE B 343 4.11 -6.56 -16.61
N ASP B 344 4.70 -7.69 -17.01
CA ASP B 344 5.78 -8.28 -16.21
C ASP B 344 7.11 -8.35 -16.90
N LYS B 345 7.34 -7.51 -17.91
CA LYS B 345 8.60 -7.55 -18.65
C LYS B 345 9.64 -6.53 -18.19
N PHE B 346 9.22 -5.50 -17.44
CA PHE B 346 10.14 -4.49 -16.93
C PHE B 346 10.48 -4.79 -15.47
N LYS B 347 11.59 -4.21 -14.93
CA LYS B 347 11.89 -4.39 -13.50
C LYS B 347 10.78 -3.75 -12.67
N VAL B 348 10.28 -4.47 -11.66
CA VAL B 348 9.13 -4.00 -10.88
C VAL B 348 9.52 -3.13 -9.70
N ASN B 349 8.84 -1.97 -9.57
CA ASN B 349 8.92 -1.02 -8.45
C ASN B 349 10.28 -0.36 -8.28
N SER B 350 10.90 0.01 -9.38
CA SER B 350 12.17 0.73 -9.35
C SER B 350 11.85 2.15 -9.74
N THR B 351 11.43 2.94 -8.76
CA THR B 351 10.99 4.35 -8.87
C THR B 351 12.00 5.26 -9.60
N LEU B 352 13.30 4.94 -9.54
CA LEU B 352 14.32 5.81 -10.16
C LEU B 352 14.77 5.43 -11.59
N GLU B 353 14.00 4.57 -12.25
CA GLU B 353 14.28 4.22 -13.63
C GLU B 353 13.94 5.43 -14.53
N GLN B 354 14.64 5.63 -15.65
CA GLN B 354 14.36 6.75 -16.54
C GLN B 354 12.90 6.77 -17.03
N TYR B 355 12.32 5.57 -17.28
CA TYR B 355 10.93 5.40 -17.73
C TYR B 355 10.14 4.66 -16.71
N VAL B 356 9.16 5.32 -16.12
CA VAL B 356 8.33 4.73 -15.09
C VAL B 356 6.89 4.61 -15.57
N PHE B 357 6.30 3.43 -15.49
CA PHE B 357 4.95 3.19 -15.98
C PHE B 357 4.15 2.79 -14.75
N CYS B 358 3.10 3.54 -14.43
CA CYS B 358 2.39 3.33 -13.19
C CYS B 358 0.97 3.90 -13.25
N THR B 359 -0.03 3.20 -12.65
CA THR B 359 -1.38 3.73 -12.60
C THR B 359 -1.42 4.96 -11.63
N VAL B 360 -2.39 5.86 -11.80
CA VAL B 360 -2.52 7.03 -10.93
C VAL B 360 -2.55 6.65 -9.42
N ASN B 361 -3.36 5.64 -9.04
CA ASN B 361 -3.56 5.23 -7.64
C ASN B 361 -2.30 4.70 -6.95
N ALA B 362 -1.27 4.29 -7.75
CA ALA B 362 -0.02 3.73 -7.25
C ALA B 362 1.20 4.65 -7.38
N LEU B 363 1.02 5.84 -7.91
CA LEU B 363 2.12 6.77 -8.15
C LEU B 363 2.94 7.07 -6.92
N PRO B 364 4.26 6.94 -7.02
CA PRO B 364 5.10 7.37 -5.91
C PRO B 364 5.29 8.89 -5.94
N GLU B 365 5.88 9.44 -4.88
CA GLU B 365 6.17 10.87 -4.82
C GLU B 365 7.50 11.04 -5.50
N THR B 366 7.51 11.59 -6.71
CA THR B 366 8.73 11.74 -7.47
C THR B 366 8.67 12.98 -8.40
N THR B 367 9.76 13.25 -9.10
CA THR B 367 9.84 14.31 -10.07
C THR B 367 10.09 13.67 -11.45
N ALA B 368 9.90 14.45 -12.52
CA ALA B 368 10.14 13.96 -13.88
C ALA B 368 10.35 15.14 -14.81
N ASP B 369 11.02 14.91 -15.95
CA ASP B 369 11.14 15.95 -16.96
C ASP B 369 9.78 16.06 -17.69
N ILE B 370 9.13 14.92 -17.96
CA ILE B 370 7.81 14.88 -18.60
C ILE B 370 6.96 13.85 -17.87
N VAL B 371 5.70 14.19 -17.65
CA VAL B 371 4.71 13.26 -17.14
C VAL B 371 3.75 13.11 -18.30
N VAL B 372 3.48 11.87 -18.76
CA VAL B 372 2.53 11.64 -19.83
C VAL B 372 1.32 10.98 -19.16
N PHE B 373 0.14 11.61 -19.19
CA PHE B 373 -1.07 11.06 -18.58
C PHE B 373 -1.99 10.67 -19.73
N ASP B 374 -2.12 9.36 -19.97
CA ASP B 374 -2.90 8.82 -21.08
C ASP B 374 -4.34 8.47 -20.71
N GLU B 375 -5.18 8.25 -21.75
CA GLU B 375 -6.60 7.94 -21.70
C GLU B 375 -7.33 8.97 -20.80
N ILE B 376 -7.08 10.24 -21.09
CA ILE B 376 -7.55 11.36 -20.28
C ILE B 376 -9.06 11.45 -20.21
N SER B 377 -9.84 10.97 -21.20
CA SER B 377 -11.31 11.00 -21.06
C SER B 377 -11.78 10.18 -19.86
N MET B 378 -11.00 9.15 -19.44
CA MET B 378 -11.34 8.24 -18.32
C MET B 378 -10.94 8.79 -16.94
N ALA B 379 -10.14 9.85 -16.89
CA ALA B 379 -9.73 10.44 -15.63
C ALA B 379 -10.90 11.26 -15.04
N THR B 380 -10.87 11.38 -13.71
CA THR B 380 -11.74 12.28 -12.94
C THR B 380 -10.84 13.42 -12.43
N ASN B 381 -11.45 14.47 -11.87
CA ASN B 381 -10.67 15.53 -11.23
C ASN B 381 -9.91 15.02 -10.03
N TYR B 382 -10.40 13.94 -9.39
CA TYR B 382 -9.71 13.31 -8.30
C TYR B 382 -8.35 12.80 -8.77
N ASP B 383 -8.33 12.07 -9.91
CA ASP B 383 -7.10 11.57 -10.53
C ASP B 383 -6.19 12.70 -10.94
N LEU B 384 -6.74 13.75 -11.60
CA LEU B 384 -5.97 14.92 -12.05
C LEU B 384 -5.19 15.55 -10.89
N SER B 385 -5.86 15.68 -9.74
CA SER B 385 -5.27 16.23 -8.53
C SER B 385 -4.18 15.32 -7.95
N VAL B 386 -4.46 14.00 -7.85
CA VAL B 386 -3.50 13.03 -7.32
C VAL B 386 -2.20 13.07 -8.11
N VAL B 387 -2.30 13.14 -9.46
CA VAL B 387 -1.11 13.21 -10.29
C VAL B 387 -0.30 14.48 -9.96
N ASN B 388 -0.96 15.65 -9.90
CA ASN B 388 -0.23 16.88 -9.55
C ASN B 388 0.42 16.84 -8.18
N ALA B 389 -0.19 16.10 -7.23
CA ALA B 389 0.33 15.94 -5.86
C ALA B 389 1.50 14.98 -5.75
N ARG B 390 1.51 13.90 -6.55
CA ARG B 390 2.58 12.90 -6.49
C ARG B 390 3.77 13.26 -7.41
N LEU B 391 3.51 13.91 -8.57
CA LEU B 391 4.53 14.18 -9.59
C LEU B 391 4.85 15.66 -9.82
N ARG B 392 6.08 16.10 -9.56
CA ARG B 392 6.50 17.46 -9.89
C ARG B 392 7.29 17.37 -11.20
N ALA B 393 6.71 17.86 -12.29
CA ALA B 393 7.32 17.72 -13.60
C ALA B 393 7.55 19.05 -14.31
N LYS B 394 8.57 19.09 -15.19
CA LYS B 394 8.79 20.28 -16.00
C LYS B 394 7.66 20.39 -17.02
N HIS B 395 7.15 19.23 -17.55
CA HIS B 395 6.09 19.23 -18.54
C HIS B 395 5.10 18.16 -18.24
N TYR B 396 3.83 18.44 -18.52
CA TYR B 396 2.76 17.47 -18.33
C TYR B 396 2.06 17.36 -19.68
N VAL B 397 1.94 16.15 -20.21
CA VAL B 397 1.25 15.93 -21.48
C VAL B 397 0.00 15.08 -21.21
N TYR B 398 -1.18 15.59 -21.55
CA TYR B 398 -2.41 14.87 -21.31
C TYR B 398 -2.88 14.34 -22.64
N ILE B 399 -2.95 13.01 -22.77
CA ILE B 399 -3.37 12.37 -24.00
C ILE B 399 -4.71 11.62 -23.85
N GLY B 400 -5.58 11.83 -24.81
CA GLY B 400 -6.86 11.13 -24.81
C GLY B 400 -7.75 11.68 -25.90
N ASP B 401 -9.02 11.59 -25.67
CA ASP B 401 -10.00 12.02 -26.64
C ASP B 401 -11.31 12.30 -25.93
N PRO B 402 -11.73 13.61 -25.84
CA PRO B 402 -13.03 13.92 -25.18
C PRO B 402 -14.23 13.41 -25.96
N ALA B 403 -14.03 12.88 -27.19
CA ALA B 403 -15.07 12.23 -27.99
C ALA B 403 -15.20 10.73 -27.67
N GLN B 404 -14.37 10.20 -26.74
CA GLN B 404 -14.49 8.82 -26.31
C GLN B 404 -15.15 8.77 -24.91
N LEU B 405 -15.22 7.59 -24.29
CA LEU B 405 -15.94 7.40 -23.07
C LEU B 405 -15.24 7.93 -21.81
N PRO B 406 -16.05 8.49 -20.89
CA PRO B 406 -15.52 8.91 -19.61
C PRO B 406 -15.58 7.76 -18.58
N ALA B 407 -15.05 8.00 -17.38
CA ALA B 407 -15.14 7.04 -16.28
C ALA B 407 -16.62 6.94 -15.89
N PRO B 408 -17.10 5.73 -15.58
CA PRO B 408 -18.50 5.58 -15.18
C PRO B 408 -18.81 6.44 -13.95
N ARG B 409 -19.95 7.11 -13.94
CA ARG B 409 -20.39 7.87 -12.79
C ARG B 409 -21.50 7.03 -12.22
N THR B 410 -21.16 6.10 -11.32
CA THR B 410 -22.13 5.15 -10.75
C THR B 410 -23.34 5.85 -10.12
N LEU B 411 -23.14 7.04 -9.50
CA LEU B 411 -24.26 7.72 -8.87
C LEU B 411 -25.17 8.49 -9.82
N LEU B 412 -24.63 8.91 -10.98
CA LEU B 412 -25.36 9.72 -11.96
C LEU B 412 -26.43 8.93 -12.70
N THR B 413 -27.68 9.33 -12.51
CA THR B 413 -28.83 8.70 -13.15
C THR B 413 -29.69 9.69 -13.95
N LYS B 414 -29.61 10.99 -13.64
CA LYS B 414 -30.44 11.98 -14.30
C LYS B 414 -29.61 12.99 -15.08
N GLY B 415 -29.86 13.07 -16.38
CA GLY B 415 -29.14 13.99 -17.25
C GLY B 415 -27.92 13.34 -17.86
N THR B 416 -27.41 13.95 -18.94
CA THR B 416 -26.24 13.43 -19.62
C THR B 416 -25.02 14.28 -19.28
N LEU B 417 -23.89 13.63 -19.04
CA LEU B 417 -22.64 14.32 -18.75
C LEU B 417 -21.89 14.64 -20.04
N GLU B 418 -21.88 15.91 -20.48
CA GLU B 418 -21.19 16.31 -21.70
C GLU B 418 -19.66 16.23 -21.55
N PRO B 419 -18.92 15.98 -22.67
CA PRO B 419 -17.44 15.88 -22.59
C PRO B 419 -16.71 17.02 -21.90
N GLU B 420 -17.21 18.27 -22.05
CA GLU B 420 -16.58 19.42 -21.39
C GLU B 420 -16.62 19.33 -19.85
N TYR B 421 -17.36 18.37 -19.30
CA TYR B 421 -17.46 18.20 -17.87
C TYR B 421 -16.85 16.90 -17.38
N PHE B 422 -16.10 16.15 -18.24
CA PHE B 422 -15.52 14.86 -17.79
C PHE B 422 -14.47 15.14 -16.73
N ASN B 423 -13.66 16.18 -16.94
CA ASN B 423 -12.58 16.58 -16.05
C ASN B 423 -11.99 17.93 -16.57
N SER B 424 -11.06 18.54 -15.83
CA SER B 424 -10.50 19.84 -16.22
C SER B 424 -9.76 19.79 -17.57
N VAL B 425 -9.08 18.68 -17.89
CA VAL B 425 -8.39 18.57 -19.18
C VAL B 425 -9.40 18.55 -20.32
N CYS B 426 -10.45 17.71 -20.20
CA CYS B 426 -11.49 17.63 -21.22
C CYS B 426 -12.23 18.91 -21.35
N ARG B 427 -12.44 19.64 -20.25
CA ARG B 427 -13.08 20.95 -20.31
C ARG B 427 -12.21 21.90 -21.18
N LEU B 428 -10.89 21.91 -20.98
CA LEU B 428 -10.00 22.73 -21.80
C LEU B 428 -10.06 22.30 -23.28
N MET B 429 -9.96 20.98 -23.57
CA MET B 429 -10.01 20.49 -24.95
C MET B 429 -11.30 20.87 -25.65
N LYS B 430 -12.41 20.95 -24.92
CA LYS B 430 -13.71 21.28 -25.50
C LYS B 430 -14.02 22.79 -25.56
N THR B 431 -13.33 23.59 -24.76
CA THR B 431 -13.58 25.04 -24.75
C THR B 431 -12.51 25.82 -25.59
N ILE B 432 -11.22 25.77 -25.21
CA ILE B 432 -10.15 26.42 -25.98
C ILE B 432 -9.57 25.54 -27.10
N GLY B 433 -9.89 24.24 -27.08
CA GLY B 433 -9.33 23.29 -28.05
C GLY B 433 -8.08 22.60 -27.55
N PRO B 434 -7.75 21.42 -28.08
CA PRO B 434 -6.52 20.75 -27.67
C PRO B 434 -5.31 21.44 -28.29
N ASP B 435 -4.17 21.37 -27.62
CA ASP B 435 -2.94 21.95 -28.16
C ASP B 435 -2.51 21.18 -29.41
N MET B 436 -2.69 19.85 -29.38
CA MET B 436 -2.27 19.01 -30.47
C MET B 436 -3.39 18.06 -30.85
N PHE B 437 -3.45 17.71 -32.15
CA PHE B 437 -4.49 16.82 -32.66
C PHE B 437 -3.88 15.83 -33.67
N LEU B 438 -4.09 14.51 -33.45
CA LEU B 438 -3.62 13.49 -34.42
C LEU B 438 -4.74 13.33 -35.46
N GLY B 439 -4.52 13.90 -36.64
CA GLY B 439 -5.57 14.03 -37.64
C GLY B 439 -5.78 12.90 -38.61
N THR B 440 -4.96 11.84 -38.56
CA THR B 440 -5.16 10.76 -39.53
C THR B 440 -5.43 9.41 -38.87
N CYS B 441 -6.63 8.90 -39.11
CA CYS B 441 -7.02 7.60 -38.57
C CYS B 441 -6.43 6.55 -39.50
N ARG B 442 -5.57 5.68 -38.99
CA ARG B 442 -4.97 4.62 -39.80
C ARG B 442 -5.70 3.29 -39.65
N ARG B 443 -6.65 3.19 -38.71
CA ARG B 443 -7.32 1.94 -38.43
C ARG B 443 -8.50 1.64 -39.32
N CYS B 444 -9.41 2.60 -39.46
CA CYS B 444 -10.75 2.37 -39.95
C CYS B 444 -10.95 2.54 -41.45
N PRO B 445 -11.88 1.74 -42.04
CA PRO B 445 -12.32 2.01 -43.43
C PRO B 445 -12.82 3.46 -43.51
N ALA B 446 -12.69 4.10 -44.67
CA ALA B 446 -13.09 5.51 -44.80
C ALA B 446 -14.57 5.78 -44.45
N GLU B 447 -15.50 4.83 -44.67
CA GLU B 447 -16.92 5.02 -44.29
C GLU B 447 -17.06 5.35 -42.80
N ILE B 448 -16.29 4.65 -41.93
CA ILE B 448 -16.31 4.90 -40.49
C ILE B 448 -15.63 6.21 -40.17
N VAL B 449 -14.46 6.47 -40.77
CA VAL B 449 -13.74 7.72 -40.53
C VAL B 449 -14.60 8.94 -40.90
N ASP B 450 -15.19 8.93 -42.09
CA ASP B 450 -16.05 10.02 -42.55
C ASP B 450 -17.23 10.24 -41.60
N THR B 451 -17.87 9.16 -41.14
CA THR B 451 -18.99 9.26 -40.19
C THR B 451 -18.58 9.92 -38.87
N VAL B 452 -17.56 9.42 -38.18
CA VAL B 452 -17.17 9.97 -36.87
C VAL B 452 -16.51 11.34 -37.04
N SER B 453 -15.79 11.59 -38.16
CA SER B 453 -15.20 12.89 -38.43
C SER B 453 -16.29 13.98 -38.41
N ALA B 454 -17.41 13.73 -39.10
CA ALA B 454 -18.54 14.65 -39.11
C ALA B 454 -19.30 14.63 -37.78
N LEU B 455 -19.44 13.44 -37.16
CA LEU B 455 -20.17 13.29 -35.89
C LEU B 455 -19.57 14.01 -34.70
N VAL B 456 -18.28 13.79 -34.43
CA VAL B 456 -17.67 14.35 -33.22
C VAL B 456 -16.36 15.12 -33.43
N TYR B 457 -15.75 15.09 -34.64
CA TYR B 457 -14.44 15.73 -34.81
C TYR B 457 -14.44 16.98 -35.66
N ASP B 458 -15.60 17.62 -35.90
CA ASP B 458 -15.69 18.85 -36.71
C ASP B 458 -15.05 18.72 -38.09
N ASN B 459 -15.16 17.54 -38.70
CA ASN B 459 -14.61 17.20 -40.01
C ASN B 459 -13.10 17.32 -40.10
N LYS B 460 -12.40 17.20 -38.96
CA LYS B 460 -10.94 17.30 -38.92
C LYS B 460 -10.24 15.94 -39.02
N LEU B 461 -10.98 14.84 -38.82
CA LEU B 461 -10.38 13.52 -38.87
C LEU B 461 -10.36 13.01 -40.32
N LYS B 462 -9.15 12.66 -40.80
CA LYS B 462 -8.93 12.19 -42.15
C LYS B 462 -8.71 10.67 -42.23
N ALA B 463 -9.18 10.04 -43.31
CA ALA B 463 -9.03 8.60 -43.47
C ALA B 463 -7.72 8.29 -44.14
N HIS B 464 -6.98 7.31 -43.62
CA HIS B 464 -5.77 6.83 -44.27
C HIS B 464 -6.20 5.72 -45.29
N LYS B 465 -7.03 4.79 -44.83
CA LYS B 465 -7.53 3.71 -45.67
C LYS B 465 -8.61 4.20 -46.60
N ASP B 466 -8.81 3.45 -47.70
CA ASP B 466 -9.91 3.72 -48.61
C ASP B 466 -11.22 3.19 -47.94
N LYS B 467 -12.38 3.43 -48.59
CA LYS B 467 -13.65 2.83 -48.18
C LYS B 467 -13.49 1.31 -48.40
N SER B 468 -13.91 0.52 -47.43
CA SER B 468 -13.77 -0.92 -47.52
C SER B 468 -14.91 -1.58 -48.32
N ALA B 469 -16.04 -0.86 -48.51
CA ALA B 469 -17.30 -1.36 -49.05
C ALA B 469 -17.85 -2.52 -48.18
N GLN B 470 -17.38 -2.66 -46.93
CA GLN B 470 -17.83 -3.67 -46.00
C GLN B 470 -18.45 -3.05 -44.73
N CYS B 471 -18.99 -1.83 -44.83
CA CYS B 471 -19.65 -1.12 -43.72
C CYS B 471 -21.11 -1.01 -44.05
N PHE B 472 -21.94 -1.70 -43.31
CA PHE B 472 -23.38 -1.83 -43.51
C PHE B 472 -24.21 -1.35 -42.33
N LYS B 473 -25.41 -0.87 -42.61
CA LYS B 473 -26.34 -0.41 -41.60
C LYS B 473 -27.75 -0.94 -41.94
N MET B 474 -28.51 -1.25 -40.92
N MET B 474 -28.52 -1.31 -40.92
CA MET B 474 -29.88 -1.67 -41.07
CA MET B 474 -29.90 -1.81 -41.04
C MET B 474 -30.66 -0.96 -40.01
C MET B 474 -30.72 -1.13 -39.98
N PHE B 475 -31.86 -0.54 -40.35
CA PHE B 475 -32.71 0.12 -39.42
C PHE B 475 -33.74 -0.94 -38.96
N TYR B 476 -33.61 -1.44 -37.73
CA TYR B 476 -34.49 -2.50 -37.24
C TYR B 476 -34.72 -2.37 -35.70
N LYS B 477 -35.89 -1.86 -35.31
CA LYS B 477 -36.17 -1.62 -33.90
C LYS B 477 -36.35 -2.90 -33.08
N GLY B 478 -36.83 -3.98 -33.69
CA GLY B 478 -36.95 -5.27 -33.02
C GLY B 478 -37.88 -5.21 -31.82
N VAL B 479 -37.51 -5.90 -30.72
CA VAL B 479 -38.30 -5.97 -29.50
C VAL B 479 -37.37 -5.80 -28.34
N ILE B 480 -37.65 -4.87 -27.46
CA ILE B 480 -36.78 -4.65 -26.30
C ILE B 480 -37.35 -5.30 -25.06
N THR B 481 -36.56 -6.16 -24.47
CA THR B 481 -36.89 -6.77 -23.20
C THR B 481 -35.84 -6.23 -22.18
N HIS B 482 -36.28 -6.05 -20.94
CA HIS B 482 -35.47 -5.51 -19.88
C HIS B 482 -35.38 -6.56 -18.80
N ASP B 483 -34.22 -6.64 -18.17
CA ASP B 483 -34.08 -7.47 -16.99
C ASP B 483 -33.77 -6.51 -15.80
N VAL B 484 -33.19 -7.04 -14.71
CA VAL B 484 -32.92 -6.27 -13.50
C VAL B 484 -32.18 -4.92 -13.76
N SER B 485 -31.15 -4.91 -14.63
CA SER B 485 -30.39 -3.68 -14.89
C SER B 485 -29.80 -3.61 -16.32
N SER B 486 -30.52 -4.19 -17.31
CA SER B 486 -29.97 -4.20 -18.67
C SER B 486 -31.09 -4.38 -19.75
N ALA B 487 -30.72 -4.28 -21.04
CA ALA B 487 -31.68 -4.45 -22.13
C ALA B 487 -31.21 -5.57 -23.08
N ILE B 488 -32.19 -6.19 -23.70
CA ILE B 488 -31.96 -7.27 -24.65
C ILE B 488 -32.87 -6.98 -25.85
N ASN B 489 -32.39 -7.28 -27.09
CA ASN B 489 -33.20 -7.16 -28.29
C ASN B 489 -32.94 -8.44 -29.11
N ARG B 490 -33.69 -9.51 -28.80
CA ARG B 490 -33.54 -10.81 -29.50
C ARG B 490 -33.74 -10.70 -31.02
N PRO B 491 -34.77 -9.97 -31.51
CA PRO B 491 -34.92 -9.79 -32.95
C PRO B 491 -33.71 -9.15 -33.65
N GLN B 492 -32.96 -8.23 -32.99
CA GLN B 492 -31.75 -7.67 -33.61
C GLN B 492 -30.66 -8.72 -33.72
N ILE B 493 -30.56 -9.62 -32.72
CA ILE B 493 -29.63 -10.76 -32.76
C ILE B 493 -30.07 -11.76 -33.85
N GLY B 494 -31.37 -11.92 -34.05
CA GLY B 494 -31.95 -12.79 -35.08
C GLY B 494 -31.60 -12.27 -36.46
N VAL B 495 -31.64 -10.95 -36.64
CA VAL B 495 -31.23 -10.32 -37.90
C VAL B 495 -29.72 -10.61 -38.13
N VAL B 496 -28.91 -10.53 -37.07
CA VAL B 496 -27.48 -10.81 -37.18
C VAL B 496 -27.24 -12.26 -37.56
N ARG B 497 -27.97 -13.17 -36.95
CA ARG B 497 -27.89 -14.61 -37.24
C ARG B 497 -28.21 -14.87 -38.70
N GLU B 498 -29.27 -14.23 -39.26
CA GLU B 498 -29.60 -14.36 -40.70
C GLU B 498 -28.51 -13.75 -41.62
N PHE B 499 -27.92 -12.61 -41.22
CA PHE B 499 -26.82 -12.01 -41.95
C PHE B 499 -25.60 -12.96 -41.95
N LEU B 500 -25.26 -13.57 -40.80
CA LEU B 500 -24.12 -14.49 -40.73
C LEU B 500 -24.31 -15.71 -41.61
N THR B 501 -25.54 -16.26 -41.73
CA THR B 501 -25.78 -17.38 -42.62
C THR B 501 -25.48 -17.03 -44.07
N ARG B 502 -25.71 -15.79 -44.46
CA ARG B 502 -25.44 -15.36 -45.84
C ARG B 502 -24.05 -14.75 -46.05
N ASN B 503 -23.24 -14.50 -44.97
CA ASN B 503 -21.93 -13.82 -44.97
C ASN B 503 -20.95 -14.52 -44.03
N PRO B 504 -20.57 -15.79 -44.32
CA PRO B 504 -19.71 -16.53 -43.39
C PRO B 504 -18.35 -15.93 -43.11
N ALA B 505 -17.85 -15.03 -43.97
CA ALA B 505 -16.59 -14.33 -43.69
C ALA B 505 -16.70 -13.51 -42.37
N TRP B 506 -17.89 -13.06 -42.05
CA TRP B 506 -18.18 -12.30 -40.84
C TRP B 506 -18.25 -13.16 -39.56
N ARG B 507 -18.08 -14.50 -39.65
CA ARG B 507 -18.07 -15.33 -38.44
C ARG B 507 -16.83 -15.06 -37.57
N LYS B 508 -15.82 -14.34 -38.10
CA LYS B 508 -14.68 -13.91 -37.30
C LYS B 508 -14.98 -12.52 -36.59
N ALA B 509 -16.19 -11.96 -36.76
CA ALA B 509 -16.53 -10.68 -36.15
C ALA B 509 -16.65 -10.71 -34.62
N VAL B 510 -16.44 -9.53 -34.02
CA VAL B 510 -16.67 -9.34 -32.61
C VAL B 510 -18.02 -8.69 -32.52
N PHE B 511 -18.86 -9.20 -31.63
CA PHE B 511 -20.20 -8.67 -31.38
C PHE B 511 -20.10 -7.58 -30.30
N ILE B 512 -20.63 -6.41 -30.59
CA ILE B 512 -20.60 -5.29 -29.65
C ILE B 512 -22.01 -4.74 -29.47
N SER B 513 -22.36 -4.36 -28.25
CA SER B 513 -23.61 -3.72 -27.95
C SER B 513 -23.45 -2.81 -26.71
N PRO B 514 -24.42 -1.92 -26.45
CA PRO B 514 -24.31 -1.07 -25.26
C PRO B 514 -24.75 -1.83 -24.00
N TYR B 515 -25.15 -3.14 -24.06
CA TYR B 515 -25.68 -3.85 -22.89
C TYR B 515 -25.07 -5.21 -22.65
N ASN B 516 -24.75 -5.50 -21.39
CA ASN B 516 -24.17 -6.79 -21.05
C ASN B 516 -25.16 -7.93 -21.29
N SER B 517 -26.46 -7.72 -20.99
CA SER B 517 -27.45 -8.77 -21.20
C SER B 517 -27.69 -9.04 -22.67
N GLN B 518 -27.60 -8.04 -23.52
CA GLN B 518 -27.70 -8.23 -24.97
C GLN B 518 -26.49 -9.11 -25.42
N ASN B 519 -25.29 -8.80 -24.92
CA ASN B 519 -24.07 -9.54 -25.21
C ASN B 519 -24.16 -11.00 -24.75
N ALA B 520 -24.73 -11.26 -23.57
CA ALA B 520 -24.84 -12.61 -23.04
C ALA B 520 -25.75 -13.45 -23.95
N VAL B 521 -26.86 -12.85 -24.40
CA VAL B 521 -27.77 -13.53 -25.32
C VAL B 521 -27.07 -13.79 -26.68
N ALA B 522 -26.44 -12.74 -27.24
CA ALA B 522 -25.73 -12.86 -28.52
C ALA B 522 -24.61 -13.92 -28.46
N SER B 523 -23.93 -14.04 -27.32
CA SER B 523 -22.86 -15.00 -27.16
C SER B 523 -23.35 -16.45 -27.36
N LYS B 524 -24.53 -16.75 -26.82
CA LYS B 524 -25.10 -18.08 -26.91
C LYS B 524 -25.66 -18.37 -28.30
N ILE B 525 -26.38 -17.40 -28.87
CA ILE B 525 -27.01 -17.58 -30.18
C ILE B 525 -26.03 -17.50 -31.37
N LEU B 526 -25.08 -16.58 -31.31
CA LEU B 526 -24.15 -16.36 -32.41
C LEU B 526 -22.83 -17.06 -32.22
N GLY B 527 -22.37 -17.19 -30.97
CA GLY B 527 -21.07 -17.76 -30.71
C GLY B 527 -19.92 -16.83 -31.02
N LEU B 528 -20.21 -15.55 -31.33
CA LEU B 528 -19.15 -14.57 -31.59
C LEU B 528 -18.58 -14.12 -30.25
N PRO B 529 -17.28 -13.73 -30.18
CA PRO B 529 -16.81 -13.05 -28.95
C PRO B 529 -17.58 -11.71 -28.79
N THR B 530 -17.88 -11.36 -27.55
CA THR B 530 -18.68 -10.16 -27.26
C THR B 530 -17.93 -9.12 -26.41
N GLN B 531 -18.31 -7.85 -26.57
CA GLN B 531 -17.78 -6.71 -25.80
C GLN B 531 -18.87 -5.70 -25.67
N THR B 532 -18.93 -5.00 -24.51
CA THR B 532 -19.81 -3.85 -24.43
C THR B 532 -19.02 -2.75 -25.14
N VAL B 533 -19.69 -1.65 -25.52
CA VAL B 533 -18.94 -0.53 -26.13
C VAL B 533 -17.82 -0.03 -25.20
N ASP B 534 -18.17 0.11 -23.91
CA ASP B 534 -17.28 0.60 -22.87
C ASP B 534 -16.07 -0.31 -22.70
N SER B 535 -16.25 -1.64 -22.71
CA SER B 535 -15.09 -2.54 -22.59
C SER B 535 -14.26 -2.63 -23.90
N SER B 536 -14.84 -2.32 -25.06
CA SER B 536 -14.11 -2.38 -26.34
C SER B 536 -13.16 -1.16 -26.54
N GLN B 537 -13.34 -0.08 -25.77
CA GLN B 537 -12.50 1.15 -25.89
C GLN B 537 -11.04 0.82 -25.76
N GLY B 538 -10.26 1.26 -26.75
CA GLY B 538 -8.83 0.96 -26.82
C GLY B 538 -8.49 -0.28 -27.64
N SER B 539 -9.50 -1.11 -27.98
CA SER B 539 -9.32 -2.34 -28.76
C SER B 539 -9.70 -2.19 -30.25
N GLU B 540 -9.22 -3.11 -31.10
CA GLU B 540 -9.58 -3.07 -32.53
C GLU B 540 -9.77 -4.48 -33.04
N TYR B 541 -10.68 -4.64 -33.99
CA TYR B 541 -11.04 -5.93 -34.57
C TYR B 541 -11.30 -5.75 -36.09
N ASP B 542 -11.04 -6.78 -36.92
CA ASP B 542 -11.27 -6.66 -38.36
C ASP B 542 -12.74 -6.42 -38.67
N TYR B 543 -13.63 -7.19 -38.05
CA TYR B 543 -15.05 -7.06 -38.30
C TYR B 543 -15.81 -6.91 -37.01
N VAL B 544 -16.77 -6.01 -37.02
CA VAL B 544 -17.55 -5.70 -35.84
C VAL B 544 -19.01 -5.80 -36.21
N ILE B 545 -19.78 -6.45 -35.35
CA ILE B 545 -21.22 -6.47 -35.53
C ILE B 545 -21.78 -5.76 -34.31
N PHE B 546 -22.54 -4.70 -34.53
CA PHE B 546 -23.07 -3.89 -33.45
C PHE B 546 -24.58 -3.88 -33.51
N THR B 547 -25.23 -4.18 -32.38
CA THR B 547 -26.68 -4.06 -32.28
C THR B 547 -26.93 -2.93 -31.27
N GLN B 548 -27.59 -1.84 -31.71
CA GLN B 548 -27.87 -0.72 -30.83
C GLN B 548 -28.73 -1.11 -29.62
N THR B 549 -29.56 -2.16 -29.77
CA THR B 549 -30.44 -2.77 -28.73
C THR B 549 -31.67 -1.92 -28.38
N THR B 550 -31.45 -0.64 -28.03
CA THR B 550 -32.51 0.29 -27.64
C THR B 550 -32.22 1.69 -28.28
N GLU B 551 -33.17 2.65 -28.13
CA GLU B 551 -33.05 4.05 -28.48
C GLU B 551 -32.94 4.94 -27.22
N THR B 552 -32.29 4.48 -26.17
CA THR B 552 -32.13 5.28 -24.94
C THR B 552 -30.99 6.35 -25.07
N ALA B 553 -30.87 7.24 -24.07
CA ALA B 553 -29.76 8.20 -23.98
C ALA B 553 -28.41 7.42 -23.92
N HIS B 554 -28.39 6.28 -23.20
CA HIS B 554 -27.22 5.39 -23.11
C HIS B 554 -26.79 4.85 -24.50
N SER B 555 -27.72 4.24 -25.25
CA SER B 555 -27.37 3.62 -26.52
C SER B 555 -27.20 4.65 -27.67
N CYS B 556 -27.71 5.90 -27.49
CA CYS B 556 -27.56 6.98 -28.46
C CYS B 556 -26.45 7.94 -28.13
N ASN B 557 -25.73 7.75 -27.02
CA ASN B 557 -24.66 8.65 -26.62
C ASN B 557 -23.62 8.76 -27.75
N VAL B 558 -23.34 9.98 -28.25
CA VAL B 558 -22.46 10.10 -29.42
C VAL B 558 -21.05 9.60 -29.13
N ASN B 559 -20.53 9.75 -27.90
CA ASN B 559 -19.20 9.24 -27.56
C ASN B 559 -19.18 7.71 -27.58
N ARG B 560 -20.24 7.07 -27.05
CA ARG B 560 -20.34 5.62 -27.05
C ARG B 560 -20.46 5.13 -28.51
N PHE B 561 -21.26 5.80 -29.32
CA PHE B 561 -21.45 5.44 -30.71
C PHE B 561 -20.15 5.53 -31.51
N ASN B 562 -19.37 6.60 -31.27
CA ASN B 562 -18.07 6.88 -31.85
C ASN B 562 -17.11 5.71 -31.51
N VAL B 563 -17.01 5.33 -30.22
CA VAL B 563 -16.16 4.21 -29.80
C VAL B 563 -16.64 2.92 -30.45
N ALA B 564 -17.95 2.70 -30.48
CA ALA B 564 -18.49 1.46 -31.04
C ALA B 564 -18.03 1.20 -32.49
N ILE B 565 -18.22 2.16 -33.38
CA ILE B 565 -17.96 1.96 -34.80
C ILE B 565 -16.50 2.10 -35.18
N THR B 566 -15.68 2.78 -34.35
CA THR B 566 -14.24 2.91 -34.60
C THR B 566 -13.41 1.74 -34.07
N ARG B 567 -14.03 0.64 -33.62
CA ARG B 567 -13.29 -0.56 -33.26
C ARG B 567 -12.90 -1.37 -34.54
N ALA B 568 -13.61 -1.16 -35.66
CA ALA B 568 -13.45 -1.91 -36.91
C ALA B 568 -12.29 -1.46 -37.80
N LYS B 569 -11.49 -2.43 -38.20
CA LYS B 569 -10.39 -2.23 -39.14
C LYS B 569 -10.83 -2.48 -40.60
N VAL B 570 -11.79 -3.39 -40.82
CA VAL B 570 -12.20 -3.77 -42.16
C VAL B 570 -13.68 -3.56 -42.46
N GLY B 571 -14.55 -4.19 -41.66
CA GLY B 571 -15.97 -4.11 -41.88
C GLY B 571 -16.77 -3.95 -40.59
N ILE B 572 -17.97 -3.43 -40.74
CA ILE B 572 -18.87 -3.27 -39.63
C ILE B 572 -20.31 -3.43 -40.09
N LEU B 573 -21.13 -4.08 -39.28
CA LEU B 573 -22.54 -4.18 -39.55
C LEU B 573 -23.21 -3.48 -38.33
N CYS B 574 -24.04 -2.45 -38.54
CA CYS B 574 -24.73 -1.78 -37.45
C CYS B 574 -26.20 -2.02 -37.58
N ILE B 575 -26.85 -2.69 -36.59
CA ILE B 575 -28.29 -2.90 -36.58
C ILE B 575 -28.74 -1.80 -35.64
N MET B 576 -29.44 -0.80 -36.18
CA MET B 576 -29.77 0.41 -35.45
C MET B 576 -31.22 0.51 -35.03
N SER B 577 -31.42 1.14 -33.90
CA SER B 577 -32.74 1.43 -33.34
C SER B 577 -33.09 2.90 -33.55
N ASP B 578 -32.09 3.77 -33.51
CA ASP B 578 -32.25 5.20 -33.57
C ASP B 578 -32.14 5.69 -35.00
N ARG B 579 -33.22 6.30 -35.52
CA ARG B 579 -33.24 6.88 -36.87
C ARG B 579 -32.13 7.93 -37.07
N ASP B 580 -31.90 8.81 -36.11
CA ASP B 580 -30.86 9.89 -36.15
C ASP B 580 -29.44 9.31 -36.42
N LEU B 581 -28.93 8.46 -35.53
CA LEU B 581 -27.61 7.85 -35.70
C LEU B 581 -27.58 6.96 -36.93
N TYR B 582 -28.71 6.27 -37.26
CA TYR B 582 -28.76 5.48 -38.47
C TYR B 582 -28.52 6.39 -39.72
N ASP B 583 -29.21 7.53 -39.80
CA ASP B 583 -29.07 8.45 -40.95
C ASP B 583 -27.68 9.06 -41.02
N LYS B 584 -26.99 9.21 -39.86
CA LYS B 584 -25.63 9.71 -39.81
C LYS B 584 -24.59 8.72 -40.32
N LEU B 585 -24.85 7.39 -40.18
CA LEU B 585 -23.90 6.39 -40.66
C LEU B 585 -23.74 6.48 -42.19
N GLN B 586 -22.50 6.71 -42.66
CA GLN B 586 -22.23 6.79 -44.10
C GLN B 586 -21.86 5.40 -44.58
N PHE B 587 -22.81 4.48 -44.39
CA PHE B 587 -22.69 3.07 -44.68
C PHE B 587 -23.72 2.67 -45.73
N THR B 588 -23.51 1.51 -46.34
CA THR B 588 -24.44 0.94 -47.29
C THR B 588 -25.61 0.39 -46.47
N SER B 589 -26.85 0.78 -46.78
CA SER B 589 -28.00 0.25 -46.08
C SER B 589 -28.39 -1.11 -46.63
N LEU B 590 -28.81 -1.99 -45.74
CA LEU B 590 -29.22 -3.33 -46.08
C LEU B 590 -30.72 -3.43 -45.84
N GLU B 591 -31.42 -4.20 -46.68
CA GLU B 591 -32.86 -4.38 -46.51
C GLU B 591 -33.13 -5.45 -45.43
N ILE B 592 -34.25 -5.31 -44.72
CA ILE B 592 -34.64 -6.25 -43.66
C ILE B 592 -35.27 -7.50 -44.26
N PRO B 593 -34.71 -8.68 -43.97
CA PRO B 593 -35.30 -9.93 -44.50
C PRO B 593 -36.61 -10.33 -43.79
ZN ZN C . 41.51 -5.10 -23.12
ZN ZN D . 31.75 -3.03 -3.54
ZN ZN E . 32.80 9.52 -0.75
P PO4 F . 3.92 -3.52 30.31
O1 PO4 F . 4.20 -5.08 30.17
O2 PO4 F . 5.26 -2.77 30.52
O3 PO4 F . 2.98 -3.17 31.55
O4 PO4 F . 3.15 -3.03 29.00
P PO4 G . 6.78 -7.36 28.40
O1 PO4 G . 6.42 -8.21 29.70
O2 PO4 G . 7.71 -6.25 28.83
O3 PO4 G . 7.57 -8.33 27.39
O4 PO4 G . 5.46 -6.77 27.71
N1 VW4 H . -1.70 2.26 -30.25
C4 VW4 H . -0.30 3.54 -34.80
C5 VW4 H . -1.53 3.96 -35.26
C6 VW4 H . -1.64 5.14 -35.99
C7 VW4 H . -0.52 5.91 -36.23
C8 VW4 H . 0.71 5.49 -35.81
C1 VW4 H . -0.23 1.01 -35.03
C2 VW4 H . -0.16 2.21 -34.06
C3 VW4 H . -1.18 2.10 -32.92
S1 VW4 H . -0.57 2.62 -31.34
O1 VW4 H . -0.37 4.03 -31.32
O2 VW4 H . 0.53 1.74 -31.07
C9 VW4 H . 0.82 4.31 -35.09
ZN ZN I . -21.50 20.92 5.79
ZN ZN J . -13.74 30.95 5.27
ZN ZN K . -28.12 20.16 26.56
P PO4 L . -4.19 4.76 -30.92
O1 PO4 L . -3.16 4.52 -29.72
O2 PO4 L . -5.60 4.06 -30.72
O3 PO4 L . -3.57 4.28 -32.23
O4 PO4 L . -4.51 6.32 -31.05
P PO4 M . -8.75 4.20 -29.18
O1 PO4 M . -7.39 3.53 -28.68
O2 PO4 M . -9.83 3.96 -28.08
O3 PO4 M . -9.34 3.60 -30.54
O4 PO4 M . -8.56 5.78 -29.33
#